data_9LOW
#
_entry.id   9LOW
#
_cell.length_a   45.402
_cell.length_b   54.793
_cell.length_c   84.885
_cell.angle_alpha   98.14
_cell.angle_beta   95.86
_cell.angle_gamma   96.91
#
_symmetry.space_group_name_H-M   'P 1'
#
loop_
_entity.id
_entity.type
_entity.pdbx_description
1 polymer 'Putative regulatory protein'
2 non-polymer '(phenylmethyl) 1-but-3-enoxynaphthalene-2-carboxylate'
3 non-polymer 'SULFATE ION'
4 water water
#
_entity_poly.entity_id   1
_entity_poly.type   'polypeptide(L)'
_entity_poly.pdbx_seq_one_letter_code
;VARPKSEDKKQALLEAATQAIAQSGIAASTAVIARNAGVAEGTLFRYFATKDELINTLYLHLRQDLWQSMIMELDRSITD
AKMMTRFIWNSYISWGLNHPARHRAIRQLAVSEKLTKETEQRADDMFPELRDLAHRSVLMVFMSDEYRAFGDGL(DFF)L
ALAETTMDFAARDPARAGEYIALGFEAMWRALTREEQAAWSHPQFEK
;
_entity_poly.pdbx_strand_id   A,B,C,D
#
# COMPACT_ATOMS: atom_id res chain seq x y z
N ASP A 8 -47.51 21.57 -6.08
CA ASP A 8 -48.60 20.91 -6.79
C ASP A 8 -47.97 20.30 -8.00
N LYS A 9 -48.17 21.09 -9.05
CA LYS A 9 -47.68 20.82 -10.38
C LYS A 9 -46.21 21.20 -10.59
N LYS A 10 -45.67 22.24 -9.94
CA LYS A 10 -44.26 22.48 -10.24
C LYS A 10 -43.38 21.55 -9.42
N GLN A 11 -43.84 21.16 -8.22
CA GLN A 11 -43.04 20.21 -7.45
C GLN A 11 -43.20 18.82 -8.01
N ALA A 12 -44.30 18.57 -8.72
CA ALA A 12 -44.45 17.31 -9.42
C ALA A 12 -43.57 17.29 -10.66
N LEU A 13 -43.49 18.43 -11.35
CA LEU A 13 -42.55 18.57 -12.46
C LEU A 13 -41.12 18.38 -11.99
N LEU A 14 -40.79 18.96 -10.83
CA LEU A 14 -39.43 18.85 -10.31
C LEU A 14 -39.12 17.42 -9.87
N GLU A 15 -40.11 16.71 -9.33
CA GLU A 15 -39.87 15.34 -8.91
C GLU A 15 -39.85 14.38 -10.09
N ALA A 16 -40.66 14.65 -11.12
CA ALA A 16 -40.57 13.87 -12.34
C ALA A 16 -39.24 14.14 -13.07
N ALA A 17 -38.83 15.41 -13.12
CA ALA A 17 -37.52 15.73 -13.68
C ALA A 17 -36.40 15.08 -12.89
N THR A 18 -36.55 15.03 -11.56
CA THR A 18 -35.57 14.29 -10.74
C THR A 18 -35.52 12.83 -11.15
N GLN A 19 -36.67 12.18 -11.26
CA GLN A 19 -36.70 10.77 -11.67
C GLN A 19 -36.12 10.60 -13.07
N ALA A 20 -36.61 11.40 -14.03
CA ALA A 20 -36.21 11.22 -15.42
C ALA A 20 -34.74 11.51 -15.65
N ILE A 21 -34.23 12.60 -15.06
CA ILE A 21 -32.83 12.94 -15.29
C ILE A 21 -31.89 11.95 -14.61
N ALA A 22 -32.29 11.41 -13.46
CA ALA A 22 -31.47 10.37 -12.83
C ALA A 22 -31.54 9.06 -13.61
N GLN A 23 -32.70 8.76 -14.18
CA GLN A 23 -32.89 7.50 -14.90
C GLN A 23 -32.35 7.60 -16.33
N SER A 24 -33.02 8.39 -17.17
CA SER A 24 -32.74 8.47 -18.59
C SER A 24 -31.69 9.52 -18.93
N GLY A 25 -30.96 10.01 -17.94
CA GLY A 25 -29.94 11.01 -18.18
C GLY A 25 -30.52 12.40 -18.34
N ILE A 26 -29.62 13.38 -18.48
CA ILE A 26 -30.04 14.77 -18.62
C ILE A 26 -30.60 15.06 -20.01
N ALA A 27 -30.53 14.10 -20.93
CA ALA A 27 -31.24 14.20 -22.20
C ALA A 27 -32.71 13.85 -22.02
N ALA A 28 -33.24 14.06 -20.82
CA ALA A 28 -34.62 13.66 -20.54
C ALA A 28 -35.60 14.56 -21.29
N SER A 29 -36.52 13.94 -22.00
CA SER A 29 -37.57 14.67 -22.71
C SER A 29 -38.47 15.46 -21.77
N THR A 30 -38.77 16.69 -22.17
CA THR A 30 -39.87 17.40 -21.54
C THR A 30 -41.17 16.61 -21.65
N ALA A 31 -41.30 15.78 -22.69
CA ALA A 31 -42.52 14.98 -22.88
C ALA A 31 -42.70 14.00 -21.74
N VAL A 32 -41.66 13.24 -21.44
CA VAL A 32 -41.71 12.24 -20.38
C VAL A 32 -41.60 12.84 -18.98
N ILE A 33 -40.99 14.02 -18.82
CA ILE A 33 -41.10 14.68 -17.53
C ILE A 33 -42.53 15.14 -17.28
N ALA A 34 -43.15 15.76 -18.29
CA ALA A 34 -44.52 16.24 -18.15
C ALA A 34 -45.49 15.08 -17.90
N ARG A 35 -45.44 14.06 -18.75
CA ARG A 35 -46.40 12.97 -18.66
C ARG A 35 -46.33 12.23 -17.33
N ASN A 36 -45.14 12.19 -16.70
CA ASN A 36 -45.01 11.57 -15.41
C ASN A 36 -45.37 12.49 -14.25
N ALA A 37 -45.52 13.79 -14.50
CA ALA A 37 -46.11 14.69 -13.53
C ALA A 37 -47.62 14.83 -13.70
N GLY A 38 -48.22 14.09 -14.62
CA GLY A 38 -49.65 14.15 -14.83
C GLY A 38 -50.10 15.48 -15.38
N VAL A 39 -49.39 15.99 -16.39
CA VAL A 39 -49.68 17.27 -17.02
C VAL A 39 -49.36 17.17 -18.50
N ALA A 40 -49.69 18.23 -19.24
CA ALA A 40 -49.40 18.34 -20.66
C ALA A 40 -48.05 19.03 -20.88
N GLU A 41 -47.59 18.98 -22.13
CA GLU A 41 -46.32 19.63 -22.49
C GLU A 41 -46.42 21.14 -22.39
N GLY A 42 -47.60 21.70 -22.68
CA GLY A 42 -47.79 23.14 -22.52
C GLY A 42 -47.64 23.60 -21.08
N THR A 43 -48.26 22.87 -20.15
CA THR A 43 -48.21 23.23 -18.74
C THR A 43 -46.77 23.34 -18.23
N LEU A 44 -45.88 22.46 -18.72
CA LEU A 44 -44.52 22.42 -18.17
C LEU A 44 -43.76 23.70 -18.48
N PHE A 45 -44.02 24.31 -19.63
CA PHE A 45 -43.29 25.50 -20.04
C PHE A 45 -43.90 26.79 -19.50
N ARG A 46 -45.01 26.72 -18.78
CA ARG A 46 -45.46 27.85 -17.99
C ARG A 46 -44.87 27.86 -16.60
N TYR A 47 -44.14 26.81 -16.20
CA TYR A 47 -43.39 26.79 -14.96
C TYR A 47 -41.89 26.80 -15.16
N PHE A 48 -41.40 26.35 -16.31
CA PHE A 48 -39.99 26.50 -16.69
C PHE A 48 -39.97 26.98 -18.13
N ALA A 49 -39.55 28.23 -18.35
CA ALA A 49 -39.53 28.80 -19.69
C ALA A 49 -38.80 27.91 -20.67
N THR A 50 -37.62 27.42 -20.28
CA THR A 50 -36.80 26.56 -21.12
C THR A 50 -36.36 25.35 -20.31
N LYS A 51 -35.94 24.30 -21.03
CA LYS A 51 -35.39 23.12 -20.38
C LYS A 51 -34.14 23.43 -19.57
N ASP A 52 -33.40 24.47 -19.96
CA ASP A 52 -32.27 24.91 -19.14
C ASP A 52 -32.72 25.57 -17.85
N GLU A 53 -33.91 26.18 -17.85
CA GLU A 53 -34.48 26.69 -16.60
C GLU A 53 -34.93 25.55 -15.70
N LEU A 54 -35.42 24.46 -16.30
CA LEU A 54 -35.75 23.28 -15.51
C LEU A 54 -34.50 22.68 -14.89
N ILE A 55 -33.43 22.54 -15.69
CA ILE A 55 -32.16 22.06 -15.18
C ILE A 55 -31.67 22.96 -14.05
N ASN A 56 -31.65 24.27 -14.28
CA ASN A 56 -31.06 25.18 -13.30
C ASN A 56 -31.86 25.23 -12.01
N THR A 57 -33.20 25.12 -12.11
CA THR A 57 -34.02 25.19 -10.90
C THR A 57 -34.11 23.85 -10.19
N LEU A 58 -34.00 22.74 -10.93
CA LEU A 58 -33.90 21.43 -10.28
C LEU A 58 -32.61 21.32 -9.47
N TYR A 59 -31.50 21.80 -10.04
CA TYR A 59 -30.22 21.74 -9.34
C TYR A 59 -30.27 22.48 -8.01
N LEU A 60 -30.92 23.65 -7.99
CA LEU A 60 -31.03 24.41 -6.75
C LEU A 60 -31.99 23.73 -5.78
N HIS A 61 -33.10 23.20 -6.30
CA HIS A 61 -34.03 22.45 -5.46
C HIS A 61 -33.33 21.27 -4.80
N LEU A 62 -32.58 20.49 -5.58
CA LEU A 62 -31.86 19.34 -5.03
C LEU A 62 -30.75 19.79 -4.08
N ARG A 63 -30.08 20.91 -4.40
CA ARG A 63 -29.06 21.44 -3.51
C ARG A 63 -29.64 21.84 -2.16
N GLN A 64 -30.83 22.45 -2.18
CA GLN A 64 -31.47 22.85 -0.93
C GLN A 64 -31.99 21.64 -0.17
N ASP A 65 -32.39 20.58 -0.88
CA ASP A 65 -32.80 19.35 -0.21
C ASP A 65 -31.63 18.70 0.51
N LEU A 66 -30.47 18.67 -0.14
CA LEU A 66 -29.28 18.08 0.47
C LEU A 66 -28.86 18.83 1.73
N TRP A 67 -28.97 20.15 1.71
CA TRP A 67 -28.50 20.95 2.84
C TRP A 67 -29.44 20.84 4.04
N GLN A 68 -30.74 20.66 3.80
CA GLN A 68 -31.67 20.51 4.91
C GLN A 68 -31.51 19.16 5.59
N SER A 69 -31.00 18.15 4.86
CA SER A 69 -30.67 16.86 5.47
C SER A 69 -29.53 16.96 6.47
N MET A 70 -28.83 18.10 6.53
CA MET A 70 -27.57 18.25 7.23
C MET A 70 -27.57 19.35 8.27
N ILE A 71 -28.40 20.39 8.11
CA ILE A 71 -28.22 21.60 8.88
C ILE A 71 -28.73 21.44 10.31
N MET A 72 -29.71 20.55 10.54
CA MET A 72 -30.10 20.24 11.91
C MET A 72 -29.01 19.51 12.66
N GLU A 73 -28.37 18.52 12.02
CA GLU A 73 -27.26 17.81 12.63
C GLU A 73 -25.96 18.58 12.53
N LEU A 74 -25.94 19.71 11.84
CA LEU A 74 -24.70 20.45 11.64
C LEU A 74 -24.20 21.00 12.96
N ASP A 75 -22.96 20.71 13.28
CA ASP A 75 -22.29 21.26 14.46
C ASP A 75 -21.19 22.20 13.97
N ARG A 76 -21.35 23.49 14.26
CA ARG A 76 -20.41 24.52 13.87
C ARG A 76 -19.21 24.67 14.82
N SER A 77 -19.18 23.90 15.91
CA SER A 77 -18.04 23.93 16.84
C SER A 77 -16.70 23.69 16.14
N ILE A 78 -16.64 22.79 15.16
CA ILE A 78 -15.35 22.33 14.66
C ILE A 78 -14.75 23.36 13.71
N THR A 79 -13.47 23.69 13.93
CA THR A 79 -12.73 24.62 13.11
C THR A 79 -11.76 23.91 12.17
N ASP A 80 -11.58 22.61 12.34
CA ASP A 80 -10.70 21.84 11.48
C ASP A 80 -11.46 21.43 10.21
N ALA A 81 -10.93 21.85 9.06
CA ALA A 81 -11.60 21.65 7.78
C ALA A 81 -11.89 20.18 7.51
N LYS A 82 -10.96 19.29 7.86
CA LYS A 82 -11.13 17.89 7.51
C LYS A 82 -12.27 17.24 8.30
N MET A 83 -12.42 17.62 9.56
CA MET A 83 -13.51 17.04 10.36
C MET A 83 -14.87 17.59 9.92
N MET A 84 -14.93 18.85 9.50
CA MET A 84 -16.18 19.40 9.01
C MET A 84 -16.53 18.85 7.64
N THR A 85 -15.54 18.69 6.76
CA THR A 85 -15.81 18.08 5.46
C THR A 85 -16.25 16.63 5.62
N ARG A 86 -15.71 15.92 6.60
CA ARG A 86 -16.10 14.53 6.81
C ARG A 86 -17.54 14.43 7.25
N PHE A 87 -17.97 15.29 8.18
CA PHE A 87 -19.38 15.33 8.56
C PHE A 87 -20.26 15.61 7.36
N ILE A 88 -19.83 16.54 6.51
CA ILE A 88 -20.58 16.84 5.29
C ILE A 88 -20.50 15.69 4.31
N TRP A 89 -19.31 15.08 4.17
CA TRP A 89 -19.18 13.92 3.30
C TRP A 89 -20.05 12.78 3.80
N ASN A 90 -19.96 12.45 5.08
CA ASN A 90 -20.81 11.41 5.66
C ASN A 90 -22.29 11.73 5.44
N SER A 91 -22.65 13.01 5.52
CA SER A 91 -24.05 13.38 5.35
C SER A 91 -24.51 13.20 3.90
N TYR A 92 -23.67 13.59 2.94
CA TYR A 92 -24.02 13.40 1.54
C TYR A 92 -24.26 11.93 1.21
N ILE A 93 -23.34 11.07 1.64
CA ILE A 93 -23.45 9.65 1.35
C ILE A 93 -24.77 9.08 1.87
N SER A 94 -25.11 9.42 3.12
CA SER A 94 -26.38 8.97 3.67
C SER A 94 -27.55 9.55 2.90
N TRP A 95 -27.46 10.84 2.53
CA TRP A 95 -28.50 11.45 1.72
C TRP A 95 -28.68 10.72 0.40
N GLY A 96 -27.57 10.38 -0.26
CA GLY A 96 -27.66 9.67 -1.52
C GLY A 96 -28.20 8.26 -1.38
N LEU A 97 -27.76 7.54 -0.34
CA LEU A 97 -28.29 6.20 -0.10
C LEU A 97 -29.80 6.25 0.13
N ASN A 98 -30.28 7.27 0.85
CA ASN A 98 -31.71 7.38 1.11
C ASN A 98 -32.47 7.85 -0.13
N HIS A 99 -31.85 8.68 -0.97
CA HIS A 99 -32.48 9.22 -2.17
C HIS A 99 -31.54 9.01 -3.35
N PRO A 100 -31.50 7.80 -3.92
CA PRO A 100 -30.60 7.56 -5.06
C PRO A 100 -30.92 8.45 -6.26
N ALA A 101 -32.20 8.63 -6.59
CA ALA A 101 -32.55 9.44 -7.75
C ALA A 101 -32.11 10.89 -7.57
N ARG A 102 -32.27 11.43 -6.35
CA ARG A 102 -31.87 12.81 -6.12
C ARG A 102 -30.36 12.98 -6.25
N HIS A 103 -29.59 11.96 -5.89
CA HIS A 103 -28.15 12.04 -6.06
C HIS A 103 -27.75 11.88 -7.52
N ARG A 104 -28.26 10.82 -8.18
CA ARG A 104 -27.94 10.61 -9.58
C ARG A 104 -28.34 11.79 -10.44
N ALA A 105 -29.44 12.46 -10.08
CA ALA A 105 -29.88 13.63 -10.84
C ALA A 105 -28.92 14.79 -10.65
N ILE A 106 -28.61 15.12 -9.39
CA ILE A 106 -27.73 16.26 -9.11
C ILE A 106 -26.33 16.02 -9.67
N ARG A 107 -25.93 14.76 -9.84
CA ARG A 107 -24.64 14.48 -10.46
C ARG A 107 -24.68 14.87 -11.93
N GLN A 108 -25.80 14.62 -12.60
CA GLN A 108 -25.95 15.04 -13.99
C GLN A 108 -26.03 16.55 -14.10
N LEU A 109 -26.81 17.18 -13.21
CA LEU A 109 -26.97 18.63 -13.27
C LEU A 109 -25.67 19.35 -12.94
N ALA A 110 -24.92 18.85 -11.95
CA ALA A 110 -23.71 19.54 -11.50
C ALA A 110 -22.66 19.61 -12.59
N VAL A 111 -22.59 18.62 -13.46
CA VAL A 111 -21.58 18.55 -14.49
C VAL A 111 -22.15 18.95 -15.85
N SER A 112 -23.29 19.63 -15.86
CA SER A 112 -23.94 20.03 -17.09
C SER A 112 -23.57 21.45 -17.47
N GLU A 113 -23.48 21.69 -18.78
CA GLU A 113 -23.13 22.99 -19.30
C GLU A 113 -24.22 24.02 -19.03
N LYS A 114 -25.46 23.57 -18.84
CA LYS A 114 -26.61 24.46 -18.74
C LYS A 114 -26.61 25.30 -17.47
N LEU A 115 -25.80 24.96 -16.48
CA LEU A 115 -25.80 25.73 -15.25
C LEU A 115 -25.14 27.07 -15.46
N THR A 116 -25.86 28.10 -15.08
CA THR A 116 -25.33 29.44 -15.15
C THR A 116 -24.72 29.79 -13.79
N LYS A 117 -23.97 30.89 -13.82
CA LYS A 117 -23.35 31.47 -12.60
C LYS A 117 -24.48 31.99 -11.72
N GLU A 118 -25.59 32.43 -12.31
CA GLU A 118 -26.67 32.88 -11.43
C GLU A 118 -27.23 31.76 -10.59
N THR A 119 -27.10 30.52 -11.06
CA THR A 119 -27.27 29.33 -10.25
C THR A 119 -26.04 29.09 -9.40
N GLU A 120 -24.86 29.37 -9.94
CA GLU A 120 -23.62 29.10 -9.21
C GLU A 120 -23.37 30.12 -8.11
N GLN A 121 -23.92 31.33 -8.25
CA GLN A 121 -23.83 32.33 -7.19
C GLN A 121 -24.98 32.19 -6.20
N ARG A 122 -26.11 31.62 -6.62
CA ARG A 122 -27.15 31.30 -5.65
C ARG A 122 -26.73 30.14 -4.76
N ALA A 123 -26.17 29.09 -5.35
CA ALA A 123 -25.68 27.95 -4.57
C ALA A 123 -24.65 28.38 -3.53
N ASP A 124 -23.88 29.43 -3.81
CA ASP A 124 -22.91 29.90 -2.83
C ASP A 124 -23.55 30.78 -1.77
N ASP A 125 -24.45 31.68 -2.15
CA ASP A 125 -25.16 32.49 -1.16
C ASP A 125 -26.05 31.63 -0.28
N MET A 126 -26.75 30.67 -0.88
CA MET A 126 -27.63 29.78 -0.12
C MET A 126 -26.85 29.02 0.94
N PHE A 127 -25.61 28.64 0.65
CA PHE A 127 -24.81 27.80 1.53
C PHE A 127 -23.45 28.45 1.73
N PRO A 128 -23.37 29.44 2.63
CA PRO A 128 -22.07 30.09 2.86
C PRO A 128 -21.09 29.20 3.58
N GLU A 129 -21.58 28.28 4.43
CA GLU A 129 -20.69 27.37 5.13
C GLU A 129 -19.96 26.47 4.15
N LEU A 130 -20.67 25.98 3.13
CA LEU A 130 -20.01 25.17 2.11
C LEU A 130 -18.98 26.01 1.35
N ARG A 131 -19.40 27.19 0.87
CA ARG A 131 -18.47 28.11 0.24
C ARG A 131 -17.27 28.37 1.14
N ASP A 132 -17.52 28.79 2.39
CA ASP A 132 -16.41 29.09 3.29
C ASP A 132 -15.51 27.88 3.47
N LEU A 133 -16.11 26.70 3.63
CA LEU A 133 -15.30 25.48 3.76
C LEU A 133 -14.58 25.16 2.46
N ALA A 134 -15.28 25.25 1.32
CA ALA A 134 -14.61 25.08 0.03
C ALA A 134 -13.49 26.09 -0.14
N HIS A 135 -13.74 27.34 0.24
CA HIS A 135 -12.76 28.42 0.17
C HIS A 135 -11.75 28.33 1.30
N ARG A 136 -11.71 27.21 2.02
CA ARG A 136 -10.81 27.03 3.13
C ARG A 136 -9.89 25.82 2.99
N SER A 137 -10.16 24.89 2.06
CA SER A 137 -9.36 23.68 1.94
C SER A 137 -9.13 23.25 0.50
N VAL A 138 -10.14 23.41 -0.36
CA VAL A 138 -10.10 22.90 -1.72
C VAL A 138 -9.00 23.54 -2.55
N LEU A 139 -8.34 22.73 -3.38
CA LEU A 139 -7.37 23.19 -4.38
C LEU A 139 -7.91 24.31 -5.26
N MET A 140 -7.07 25.32 -5.50
CA MET A 140 -7.52 26.53 -6.19
C MET A 140 -8.04 26.26 -7.59
N VAL A 141 -7.52 25.23 -8.27
CA VAL A 141 -7.95 24.99 -9.64
C VAL A 141 -9.33 24.34 -9.70
N PHE A 142 -9.69 23.54 -8.69
CA PHE A 142 -11.00 22.92 -8.71
C PHE A 142 -12.09 23.88 -8.24
N MET A 143 -11.73 25.11 -7.90
CA MET A 143 -12.69 26.19 -7.64
C MET A 143 -12.75 27.21 -8.76
N SER A 144 -11.80 27.19 -9.70
CA SER A 144 -11.78 28.16 -10.80
C SER A 144 -12.99 27.94 -11.71
N ASP A 145 -13.48 29.04 -12.29
CA ASP A 145 -14.61 28.97 -13.21
C ASP A 145 -14.42 27.92 -14.30
N GLU A 146 -13.17 27.63 -14.69
CA GLU A 146 -12.95 26.77 -15.83
C GLU A 146 -13.05 25.29 -15.45
N TYR A 147 -12.51 24.90 -14.31
CA TYR A 147 -12.46 23.50 -13.91
C TYR A 147 -13.27 23.21 -12.65
N ARG A 148 -14.14 24.14 -12.25
CA ARG A 148 -14.99 23.92 -11.07
C ARG A 148 -15.97 22.77 -11.30
N ALA A 149 -16.66 22.78 -12.45
CA ALA A 149 -17.55 21.67 -12.79
C ALA A 149 -16.80 20.34 -12.79
N PHE A 150 -15.52 20.35 -13.19
CA PHE A 150 -14.73 19.13 -13.17
C PHE A 150 -14.47 18.66 -11.76
N GLY A 151 -14.09 19.58 -10.87
CA GLY A 151 -13.93 19.24 -9.47
C GLY A 151 -15.19 18.63 -8.87
N ASP A 152 -16.35 19.21 -9.19
CA ASP A 152 -17.61 18.63 -8.74
C ASP A 152 -17.81 17.23 -9.30
N GLY A 153 -17.44 17.00 -10.55
CA GLY A 153 -17.59 15.67 -11.13
C GLY A 153 -16.73 14.61 -10.46
N LEU A 154 -15.52 14.96 -9.99
CA LEU A 154 -14.59 13.97 -9.40
C LEU A 154 -14.99 13.59 -7.97
N LEU A 156 -18.38 13.95 -7.05
CA LEU A 156 -19.56 13.11 -7.04
C LEU A 156 -19.30 11.71 -7.59
N ALA A 157 -18.26 11.51 -8.40
CA ALA A 157 -17.83 10.20 -8.86
C ALA A 157 -17.30 9.36 -7.70
N LEU A 158 -16.44 9.95 -6.89
CA LEU A 158 -15.94 9.23 -5.72
C LEU A 158 -17.08 8.94 -4.75
N ALA A 159 -18.03 9.88 -4.62
CA ALA A 159 -19.18 9.67 -3.75
C ALA A 159 -20.06 8.55 -4.27
N GLU A 160 -20.35 8.54 -5.57
CA GLU A 160 -21.21 7.51 -6.14
C GLU A 160 -20.60 6.13 -5.98
N THR A 161 -19.28 6.02 -6.17
CA THR A 161 -18.61 4.75 -5.92
C THR A 161 -18.73 4.35 -4.46
N THR A 162 -18.64 5.32 -3.55
CA THR A 162 -18.77 5.03 -2.13
C THR A 162 -20.18 4.57 -1.78
N MET A 163 -21.19 5.24 -2.34
CA MET A 163 -22.56 4.80 -2.12
C MET A 163 -22.78 3.38 -2.61
N ASP A 164 -22.27 3.06 -3.81
CA ASP A 164 -22.60 1.79 -4.44
C ASP A 164 -22.01 0.62 -3.66
N PHE A 165 -20.77 0.76 -3.18
CA PHE A 165 -20.18 -0.30 -2.37
C PHE A 165 -20.79 -0.36 -0.98
N ALA A 166 -21.27 0.78 -0.47
CA ALA A 166 -21.89 0.78 0.85
C ALA A 166 -23.26 0.13 0.83
N ALA A 167 -24.00 0.29 -0.28
CA ALA A 167 -25.35 -0.27 -0.35
C ALA A 167 -25.36 -1.74 -0.72
N ARG A 168 -24.34 -2.21 -1.45
CA ARG A 168 -24.25 -3.62 -1.83
C ARG A 168 -23.56 -4.47 -0.77
N ASP A 169 -22.64 -3.88 -0.01
CA ASP A 169 -21.91 -4.57 1.06
C ASP A 169 -22.11 -3.79 2.36
N PRO A 170 -23.32 -3.81 2.91
CA PRO A 170 -23.61 -2.97 4.10
C PRO A 170 -22.70 -3.21 5.29
N ALA A 171 -22.26 -4.45 5.52
CA ALA A 171 -21.44 -4.76 6.68
C ALA A 171 -20.12 -3.99 6.69
N ARG A 172 -19.65 -3.55 5.53
CA ARG A 172 -18.41 -2.80 5.43
C ARG A 172 -18.64 -1.33 5.09
N ALA A 173 -19.90 -0.88 5.14
CA ALA A 173 -20.24 0.47 4.70
C ALA A 173 -19.38 1.52 5.38
N GLY A 174 -19.25 1.43 6.71
CA GLY A 174 -18.45 2.41 7.44
C GLY A 174 -17.03 2.54 6.92
N GLU A 175 -16.44 1.41 6.52
CA GLU A 175 -15.08 1.47 6.00
C GLU A 175 -15.04 2.11 4.62
N TYR A 176 -16.05 1.83 3.79
CA TYR A 176 -16.14 2.48 2.48
C TYR A 176 -16.32 3.99 2.61
N ILE A 177 -17.03 4.46 3.64
CA ILE A 177 -17.26 5.89 3.80
C ILE A 177 -15.95 6.60 4.13
N ALA A 178 -15.17 6.03 5.07
CA ALA A 178 -13.91 6.64 5.45
C ALA A 178 -12.91 6.59 4.31
N LEU A 179 -12.74 5.42 3.70
CA LEU A 179 -11.80 5.28 2.59
C LEU A 179 -12.19 6.19 1.43
N GLY A 180 -13.47 6.17 1.04
CA GLY A 180 -13.93 7.10 0.04
C GLY A 180 -13.62 8.55 0.38
N PHE A 181 -13.88 8.94 1.62
CA PHE A 181 -13.64 10.32 2.03
C PHE A 181 -12.17 10.68 1.93
N GLU A 182 -11.29 9.82 2.47
CA GLU A 182 -9.87 10.12 2.46
C GLU A 182 -9.31 10.14 1.05
N ALA A 183 -9.74 9.21 0.19
CA ALA A 183 -9.33 9.27 -1.20
C ALA A 183 -9.78 10.57 -1.85
N MET A 184 -11.02 10.99 -1.57
CA MET A 184 -11.49 12.28 -2.06
C MET A 184 -10.64 13.42 -1.49
N TRP A 185 -10.30 13.33 -0.20
CA TRP A 185 -9.65 14.45 0.47
C TRP A 185 -8.27 14.72 -0.11
N ARG A 186 -7.42 13.70 -0.18
CA ARG A 186 -6.09 13.92 -0.74
C ARG A 186 -6.15 14.21 -2.23
N ALA A 187 -7.22 13.80 -2.91
CA ALA A 187 -7.36 14.11 -4.34
C ALA A 187 -7.71 15.58 -4.57
N LEU A 188 -8.61 16.14 -3.75
CA LEU A 188 -9.24 17.42 -4.09
C LEU A 188 -8.82 18.58 -3.21
N THR A 189 -7.94 18.37 -2.23
CA THR A 189 -7.48 19.44 -1.36
C THR A 189 -5.97 19.54 -1.43
N ARG A 190 -5.44 20.61 -0.87
CA ARG A 190 -4.00 20.90 -0.97
C ARG A 190 -3.21 20.15 0.09
N ASP B 8 -16.67 -16.37 -33.77
CA ASP B 8 -17.84 -15.82 -34.43
C ASP B 8 -18.97 -15.59 -33.44
N LYS B 9 -19.79 -16.62 -33.21
CA LYS B 9 -20.91 -16.47 -32.28
C LYS B 9 -20.47 -16.32 -30.83
N LYS B 10 -19.26 -16.75 -30.46
CA LYS B 10 -18.82 -16.55 -29.08
C LYS B 10 -18.42 -15.09 -28.82
N GLN B 11 -17.72 -14.46 -29.77
CA GLN B 11 -17.40 -13.03 -29.73
C GLN B 11 -18.56 -12.15 -30.20
N ALA B 12 -19.49 -12.70 -30.95
CA ALA B 12 -20.69 -11.93 -31.24
C ALA B 12 -21.51 -11.81 -29.97
N LEU B 13 -21.55 -12.89 -29.21
CA LEU B 13 -22.12 -12.86 -27.86
C LEU B 13 -21.30 -11.94 -26.96
N LEU B 14 -19.96 -12.01 -27.07
CA LEU B 14 -19.13 -11.16 -26.22
C LEU B 14 -19.31 -9.68 -26.57
N GLU B 15 -19.55 -9.38 -27.85
CA GLU B 15 -19.80 -8.01 -28.25
C GLU B 15 -21.24 -7.59 -27.95
N ALA B 16 -22.19 -8.53 -28.06
CA ALA B 16 -23.57 -8.25 -27.65
C ALA B 16 -23.67 -8.06 -26.15
N ALA B 17 -22.97 -8.90 -25.38
CA ALA B 17 -22.94 -8.72 -23.93
C ALA B 17 -22.31 -7.37 -23.57
N THR B 18 -21.27 -6.97 -24.29
CA THR B 18 -20.66 -5.67 -24.06
C THR B 18 -21.68 -4.54 -24.24
N GLN B 19 -22.42 -4.56 -25.35
CA GLN B 19 -23.42 -3.53 -25.61
C GLN B 19 -24.51 -3.54 -24.54
N ALA B 20 -25.07 -4.71 -24.25
CA ALA B 20 -26.17 -4.79 -23.31
C ALA B 20 -25.75 -4.40 -21.90
N ILE B 21 -24.59 -4.89 -21.46
CA ILE B 21 -24.12 -4.59 -20.11
C ILE B 21 -23.73 -3.12 -19.97
N ALA B 22 -23.21 -2.51 -21.04
CA ALA B 22 -22.87 -1.10 -20.97
C ALA B 22 -24.11 -0.21 -20.92
N GLN B 23 -25.17 -0.62 -21.62
CA GLN B 23 -26.41 0.17 -21.62
C GLN B 23 -27.29 -0.17 -20.43
N SER B 24 -27.84 -1.39 -20.41
CA SER B 24 -28.83 -1.79 -19.43
C SER B 24 -28.21 -2.38 -18.16
N GLY B 25 -26.91 -2.20 -17.96
CA GLY B 25 -26.27 -2.71 -16.76
C GLY B 25 -25.98 -4.19 -16.85
N ILE B 26 -25.31 -4.69 -15.79
CA ILE B 26 -24.94 -6.10 -15.73
C ILE B 26 -26.14 -6.98 -15.41
N ALA B 27 -27.29 -6.39 -15.10
CA ALA B 27 -28.54 -7.13 -14.99
C ALA B 27 -29.11 -7.42 -16.38
N ALA B 28 -28.22 -7.52 -17.37
CA ALA B 28 -28.64 -7.72 -18.74
C ALA B 28 -29.22 -9.11 -18.93
N SER B 29 -30.37 -9.18 -19.59
CA SER B 29 -31.02 -10.45 -19.90
C SER B 29 -30.09 -11.34 -20.72
N THR B 30 -29.98 -12.60 -20.32
CA THR B 30 -29.35 -13.59 -21.20
C THR B 30 -30.11 -13.71 -22.52
N ALA B 31 -31.42 -13.47 -22.51
CA ALA B 31 -32.21 -13.56 -23.73
C ALA B 31 -31.82 -12.48 -24.73
N VAL B 32 -31.79 -11.22 -24.29
CA VAL B 32 -31.54 -10.12 -25.22
C VAL B 32 -30.07 -10.04 -25.62
N ILE B 33 -29.16 -10.53 -24.77
CA ILE B 33 -27.77 -10.66 -25.19
C ILE B 33 -27.69 -11.67 -26.34
N ALA B 34 -28.39 -12.79 -26.18
CA ALA B 34 -28.46 -13.80 -27.24
C ALA B 34 -29.16 -13.27 -28.49
N ARG B 35 -30.37 -12.73 -28.33
CA ARG B 35 -31.20 -12.39 -29.48
C ARG B 35 -30.56 -11.33 -30.37
N ASN B 36 -29.80 -10.39 -29.78
CA ASN B 36 -29.12 -9.38 -30.57
C ASN B 36 -27.75 -9.82 -31.06
N ALA B 37 -27.25 -10.95 -30.57
CA ALA B 37 -26.10 -11.63 -31.19
C ALA B 37 -26.52 -12.60 -32.26
N GLY B 38 -27.81 -12.63 -32.61
CA GLY B 38 -28.33 -13.51 -33.63
C GLY B 38 -28.33 -14.98 -33.25
N VAL B 39 -28.76 -15.29 -32.03
CA VAL B 39 -28.83 -16.66 -31.53
C VAL B 39 -30.01 -16.75 -30.56
N ALA B 40 -30.29 -17.96 -30.09
CA ALA B 40 -31.27 -18.21 -29.05
C ALA B 40 -30.58 -18.22 -27.69
N GLU B 41 -31.38 -18.19 -26.62
CA GLU B 41 -30.81 -18.25 -25.28
C GLU B 41 -30.14 -19.58 -25.01
N GLY B 42 -30.65 -20.65 -25.62
CA GLY B 42 -29.99 -21.94 -25.51
C GLY B 42 -28.56 -21.92 -26.06
N THR B 43 -28.37 -21.22 -27.18
CA THR B 43 -27.06 -21.13 -27.81
C THR B 43 -25.98 -20.59 -26.89
N LEU B 44 -26.30 -19.52 -26.15
CA LEU B 44 -25.29 -18.76 -25.32
C LEU B 44 -24.85 -19.45 -24.02
N PHE B 45 -25.49 -20.55 -23.62
CA PHE B 45 -25.15 -21.24 -22.38
C PHE B 45 -24.31 -22.51 -22.55
N ARG B 46 -24.06 -22.98 -23.76
CA ARG B 46 -23.03 -24.00 -23.92
C ARG B 46 -21.67 -23.43 -24.27
N TYR B 47 -21.57 -22.10 -24.41
CA TYR B 47 -20.28 -21.42 -24.52
C TYR B 47 -19.90 -20.74 -23.21
N PHE B 48 -20.89 -20.38 -22.39
CA PHE B 48 -20.69 -19.89 -21.03
C PHE B 48 -21.71 -20.60 -20.16
N ALA B 49 -21.24 -21.52 -19.30
CA ALA B 49 -22.13 -22.33 -18.47
C ALA B 49 -23.12 -21.48 -17.70
N THR B 50 -22.63 -20.42 -17.06
CA THR B 50 -23.48 -19.56 -16.25
C THR B 50 -23.27 -18.10 -16.66
N LYS B 51 -24.21 -17.26 -16.28
CA LYS B 51 -24.06 -15.83 -16.51
C LYS B 51 -22.84 -15.27 -15.79
N ASP B 52 -22.44 -15.90 -14.68
CA ASP B 52 -21.21 -15.50 -14.00
C ASP B 52 -19.97 -15.88 -14.81
N GLU B 53 -20.03 -16.96 -15.58
CA GLU B 53 -18.91 -17.30 -16.45
C GLU B 53 -18.85 -16.37 -17.65
N LEU B 54 -20.00 -15.92 -18.15
CA LEU B 54 -20.00 -14.92 -19.22
C LEU B 54 -19.40 -13.61 -18.73
N ILE B 55 -19.80 -13.17 -17.53
CA ILE B 55 -19.23 -11.97 -16.92
C ILE B 55 -17.72 -12.09 -16.79
N ASN B 56 -17.24 -13.21 -16.24
CA ASN B 56 -15.84 -13.30 -15.86
C ASN B 56 -14.90 -13.28 -17.06
N THR B 57 -15.27 -13.93 -18.16
CA THR B 57 -14.36 -13.94 -19.30
C THR B 57 -14.56 -12.73 -20.20
N LEU B 58 -15.75 -12.13 -20.20
CA LEU B 58 -15.92 -10.85 -20.87
C LEU B 58 -15.04 -9.79 -20.22
N TYR B 59 -14.98 -9.79 -18.89
CA TYR B 59 -14.10 -8.86 -18.18
C TYR B 59 -12.65 -9.04 -18.61
N LEU B 60 -12.19 -10.30 -18.73
CA LEU B 60 -10.82 -10.54 -19.17
C LEU B 60 -10.66 -10.22 -20.65
N HIS B 61 -11.67 -10.55 -21.46
CA HIS B 61 -11.63 -10.17 -22.88
C HIS B 61 -11.50 -8.66 -23.01
N LEU B 62 -12.33 -7.91 -22.28
CA LEU B 62 -12.24 -6.46 -22.34
C LEU B 62 -10.92 -5.97 -21.76
N ARG B 63 -10.43 -6.64 -20.72
CA ARG B 63 -9.12 -6.28 -20.15
C ARG B 63 -8.02 -6.46 -21.18
N GLN B 64 -8.05 -7.57 -21.94
CA GLN B 64 -7.01 -7.78 -22.95
C GLN B 64 -7.18 -6.82 -24.13
N ASP B 65 -8.41 -6.40 -24.43
CA ASP B 65 -8.61 -5.41 -25.48
C ASP B 65 -7.97 -4.08 -25.09
N LEU B 66 -8.11 -3.69 -23.83
CA LEU B 66 -7.50 -2.46 -23.36
C LEU B 66 -5.97 -2.53 -23.45
N TRP B 67 -5.40 -3.70 -23.18
CA TRP B 67 -3.95 -3.83 -23.17
C TRP B 67 -3.37 -3.87 -24.58
N GLN B 68 -4.11 -4.43 -25.55
CA GLN B 68 -3.59 -4.47 -26.92
C GLN B 68 -3.63 -3.10 -27.57
N SER B 69 -4.51 -2.22 -27.11
CA SER B 69 -4.51 -0.84 -27.55
C SER B 69 -3.29 -0.06 -27.10
N MET B 70 -2.48 -0.63 -26.21
CA MET B 70 -1.46 0.10 -25.47
C MET B 70 -0.06 -0.46 -25.61
N ILE B 71 0.09 -1.77 -25.82
CA ILE B 71 1.39 -2.40 -25.60
C ILE B 71 2.35 -2.12 -26.75
N MET B 72 1.83 -1.84 -27.95
CA MET B 72 2.71 -1.39 -29.03
C MET B 72 3.30 -0.02 -28.71
N GLU B 73 2.49 0.89 -28.16
CA GLU B 73 2.97 2.19 -27.74
C GLU B 73 3.66 2.13 -26.39
N LEU B 74 3.58 0.99 -25.70
CA LEU B 74 4.18 0.82 -24.38
C LEU B 74 5.69 0.83 -24.49
N ASP B 75 6.31 1.66 -23.64
CA ASP B 75 7.80 1.81 -23.54
C ASP B 75 8.22 1.57 -22.08
N ARG B 76 8.90 0.45 -21.83
CA ARG B 76 9.37 0.04 -20.51
C ARG B 76 10.61 0.80 -20.05
N SER B 77 11.16 1.69 -20.88
CA SER B 77 12.28 2.52 -20.45
C SER B 77 11.98 3.22 -19.12
N ILE B 78 10.71 3.54 -18.87
CA ILE B 78 10.35 4.37 -17.74
C ILE B 78 10.42 3.55 -16.45
N THR B 79 11.15 4.07 -15.47
CA THR B 79 11.29 3.41 -14.14
C THR B 79 10.48 4.18 -13.11
N ASP B 80 10.09 5.42 -13.43
CA ASP B 80 9.30 6.23 -12.52
C ASP B 80 7.86 5.74 -12.58
N ALA B 81 7.32 5.31 -11.45
CA ALA B 81 5.95 4.78 -11.43
C ALA B 81 4.96 5.79 -11.96
N LYS B 82 5.14 7.07 -11.63
CA LYS B 82 4.13 8.06 -11.99
C LYS B 82 4.12 8.33 -13.49
N MET B 83 5.29 8.32 -14.13
CA MET B 83 5.31 8.54 -15.58
C MET B 83 4.76 7.33 -16.34
N MET B 84 4.97 6.12 -15.82
CA MET B 84 4.40 4.94 -16.46
C MET B 84 2.89 4.89 -16.24
N THR B 85 2.44 5.24 -15.04
CA THR B 85 1.00 5.29 -14.79
C THR B 85 0.33 6.34 -15.67
N ARG B 86 1.02 7.45 -15.92
CA ARG B 86 0.44 8.51 -16.75
C ARG B 86 0.25 8.04 -18.18
N PHE B 87 1.24 7.36 -18.76
CA PHE B 87 1.07 6.79 -20.10
C PHE B 87 -0.10 5.81 -20.12
N ILE B 88 -0.20 4.97 -19.09
CA ILE B 88 -1.30 4.01 -19.01
C ILE B 88 -2.62 4.73 -18.79
N TRP B 89 -2.63 5.74 -17.92
CA TRP B 89 -3.84 6.53 -17.69
C TRP B 89 -4.30 7.23 -18.95
N ASN B 90 -3.36 7.92 -19.64
CA ASN B 90 -3.71 8.57 -20.90
C ASN B 90 -4.27 7.58 -21.92
N SER B 91 -3.71 6.36 -21.96
CA SER B 91 -4.15 5.39 -22.94
C SER B 91 -5.55 4.85 -22.61
N TYR B 92 -5.83 4.63 -21.33
CA TYR B 92 -7.17 4.16 -20.95
C TYR B 92 -8.24 5.16 -21.36
N ILE B 93 -8.02 6.44 -21.05
CA ILE B 93 -9.00 7.46 -21.40
C ILE B 93 -9.25 7.47 -22.91
N SER B 94 -8.17 7.40 -23.69
CA SER B 94 -8.32 7.34 -25.14
C SER B 94 -9.05 6.07 -25.57
N TRP B 95 -8.72 4.94 -24.94
CA TRP B 95 -9.41 3.69 -25.23
C TRP B 95 -10.90 3.82 -24.96
N GLY B 96 -11.27 4.44 -23.83
CA GLY B 96 -12.68 4.60 -23.52
C GLY B 96 -13.40 5.54 -24.47
N LEU B 97 -12.75 6.65 -24.82
CA LEU B 97 -13.34 7.58 -25.78
C LEU B 97 -13.60 6.93 -27.13
N ASN B 98 -12.71 6.04 -27.58
CA ASN B 98 -12.88 5.43 -28.89
C ASN B 98 -13.98 4.37 -28.90
N HIS B 99 -14.16 3.64 -27.81
CA HIS B 99 -15.19 2.60 -27.72
C HIS B 99 -15.85 2.70 -26.37
N PRO B 100 -16.85 3.58 -26.22
CA PRO B 100 -17.48 3.81 -24.92
C PRO B 100 -18.12 2.56 -24.32
N ALA B 101 -18.78 1.74 -25.14
CA ALA B 101 -19.47 0.55 -24.62
C ALA B 101 -18.49 -0.38 -23.92
N ARG B 102 -17.28 -0.52 -24.46
CA ARG B 102 -16.28 -1.37 -23.80
C ARG B 102 -15.87 -0.80 -22.45
N HIS B 103 -15.89 0.52 -22.31
CA HIS B 103 -15.57 1.12 -21.01
C HIS B 103 -16.71 0.97 -20.02
N ARG B 104 -17.94 1.36 -20.42
CA ARG B 104 -19.08 1.24 -19.52
C ARG B 104 -19.30 -0.20 -19.08
N ALA B 105 -18.99 -1.16 -19.96
CA ALA B 105 -19.13 -2.56 -19.59
C ALA B 105 -18.07 -2.98 -18.58
N ILE B 106 -16.80 -2.69 -18.87
CA ILE B 106 -15.72 -3.13 -17.98
C ILE B 106 -15.83 -2.45 -16.63
N ARG B 107 -16.43 -1.26 -16.57
CA ARG B 107 -16.63 -0.60 -15.28
C ARG B 107 -17.66 -1.34 -14.44
N GLN B 108 -18.71 -1.86 -15.09
CA GLN B 108 -19.70 -2.65 -14.39
C GLN B 108 -19.13 -3.99 -13.93
N LEU B 109 -18.40 -4.67 -14.83
CA LEU B 109 -17.86 -5.99 -14.50
C LEU B 109 -16.81 -5.90 -13.40
N ALA B 110 -15.97 -4.86 -13.42
CA ALA B 110 -14.86 -4.76 -12.47
C ALA B 110 -15.34 -4.64 -11.03
N VAL B 111 -16.51 -4.03 -10.82
CA VAL B 111 -17.03 -3.80 -9.47
C VAL B 111 -18.18 -4.76 -9.16
N SER B 112 -18.30 -5.86 -9.89
CA SER B 112 -19.37 -6.82 -9.69
C SER B 112 -18.90 -7.99 -8.83
N GLU B 113 -19.82 -8.54 -8.04
CA GLU B 113 -19.51 -9.63 -7.14
C GLU B 113 -19.12 -10.91 -7.88
N LYS B 114 -19.52 -11.04 -9.15
CA LYS B 114 -19.33 -12.29 -9.88
C LYS B 114 -17.87 -12.61 -10.19
N LEU B 115 -16.94 -11.66 -10.06
CA LEU B 115 -15.55 -11.89 -10.41
C LEU B 115 -14.84 -12.77 -9.38
N THR B 116 -14.19 -13.83 -9.88
CA THR B 116 -13.41 -14.76 -9.08
C THR B 116 -11.94 -14.35 -9.15
N LYS B 117 -11.11 -14.89 -8.26
CA LYS B 117 -9.69 -14.65 -8.37
C LYS B 117 -8.98 -15.52 -9.43
N GLU B 118 -9.67 -16.48 -10.06
CA GLU B 118 -9.07 -16.96 -11.30
C GLU B 118 -9.28 -15.93 -12.39
N THR B 119 -10.30 -15.11 -12.24
CA THR B 119 -10.38 -13.90 -13.05
C THR B 119 -9.38 -12.87 -12.53
N GLU B 120 -9.21 -12.79 -11.22
CA GLU B 120 -8.33 -11.79 -10.66
C GLU B 120 -6.87 -12.23 -10.69
N GLN B 121 -6.57 -13.53 -10.62
CA GLN B 121 -5.17 -13.92 -10.77
C GLN B 121 -4.75 -14.16 -12.21
N ARG B 122 -5.67 -14.43 -13.12
CA ARG B 122 -5.29 -14.41 -14.53
C ARG B 122 -5.03 -12.99 -14.99
N ALA B 123 -5.91 -12.05 -14.63
CA ALA B 123 -5.74 -10.66 -15.00
C ALA B 123 -4.38 -10.12 -14.57
N ASP B 124 -3.83 -10.64 -13.48
CA ASP B 124 -2.51 -10.24 -13.06
C ASP B 124 -1.43 -10.98 -13.84
N ASP B 125 -1.62 -12.28 -14.08
CA ASP B 125 -0.68 -13.02 -14.91
C ASP B 125 -0.68 -12.51 -16.35
N MET B 126 -1.86 -12.20 -16.89
CA MET B 126 -1.96 -11.70 -18.25
C MET B 126 -1.14 -10.42 -18.43
N PHE B 127 -1.12 -9.57 -17.41
CA PHE B 127 -0.46 -8.27 -17.49
C PHE B 127 0.42 -8.10 -16.25
N PRO B 128 1.63 -8.65 -16.27
CA PRO B 128 2.50 -8.48 -15.12
C PRO B 128 2.97 -7.05 -14.95
N GLU B 129 3.06 -6.29 -16.04
CA GLU B 129 3.56 -4.93 -15.97
C GLU B 129 2.67 -4.06 -15.08
N LEU B 130 1.35 -4.18 -15.25
CA LEU B 130 0.43 -3.45 -14.39
C LEU B 130 0.50 -3.94 -12.96
N ARG B 131 0.45 -5.26 -12.79
CA ARG B 131 0.66 -5.85 -11.47
C ARG B 131 1.91 -5.28 -10.82
N ASP B 132 3.03 -5.34 -11.56
CA ASP B 132 4.34 -4.84 -11.05
C ASP B 132 4.20 -3.37 -10.65
N LEU B 133 3.52 -2.57 -11.48
CA LEU B 133 3.32 -1.15 -11.24
C LEU B 133 2.41 -0.90 -10.04
N ALA B 134 1.28 -1.61 -9.99
CA ALA B 134 0.40 -1.48 -8.83
C ALA B 134 1.14 -1.81 -7.55
N HIS B 135 1.97 -2.85 -7.57
CA HIS B 135 2.72 -3.25 -6.39
C HIS B 135 3.91 -2.34 -6.10
N ARG B 136 3.98 -1.19 -6.78
CA ARG B 136 5.04 -0.23 -6.53
C ARG B 136 4.54 1.16 -6.16
N SER B 137 3.24 1.46 -6.33
CA SER B 137 2.76 2.81 -6.08
C SER B 137 1.42 2.81 -5.36
N VAL B 138 0.50 1.92 -5.76
CA VAL B 138 -0.84 1.94 -5.21
C VAL B 138 -0.80 1.67 -3.70
N LEU B 139 -1.66 2.39 -2.96
CA LEU B 139 -1.87 2.13 -1.54
C LEU B 139 -2.18 0.67 -1.27
N MET B 140 -1.52 0.11 -0.25
CA MET B 140 -1.63 -1.32 0.02
C MET B 140 -3.07 -1.72 0.35
N VAL B 141 -3.88 -0.78 0.83
CA VAL B 141 -5.26 -1.13 1.18
C VAL B 141 -6.10 -1.34 -0.07
N PHE B 142 -5.77 -0.63 -1.16
CA PHE B 142 -6.49 -0.82 -2.41
C PHE B 142 -5.96 -2.02 -3.19
N MET B 143 -5.00 -2.75 -2.64
CA MET B 143 -4.57 -4.02 -3.20
C MET B 143 -5.10 -5.23 -2.44
N SER B 144 -5.61 -5.03 -1.23
CA SER B 144 -6.10 -6.14 -0.42
C SER B 144 -7.32 -6.78 -1.08
N ASP B 145 -7.44 -8.10 -0.90
CA ASP B 145 -8.59 -8.83 -1.43
C ASP B 145 -9.91 -8.17 -1.04
N GLU B 146 -9.95 -7.48 0.10
CA GLU B 146 -11.22 -6.97 0.60
C GLU B 146 -11.61 -5.66 -0.08
N TYR B 147 -10.66 -4.76 -0.29
CA TYR B 147 -10.96 -3.44 -0.83
C TYR B 147 -10.32 -3.18 -2.20
N ARG B 148 -9.84 -4.23 -2.88
CA ARG B 148 -9.26 -4.04 -4.21
C ARG B 148 -10.33 -3.62 -5.22
N ALA B 149 -11.47 -4.29 -5.21
CA ALA B 149 -12.60 -3.91 -6.07
C ALA B 149 -13.02 -2.47 -5.83
N PHE B 150 -12.92 -1.99 -4.60
CA PHE B 150 -13.28 -0.59 -4.32
C PHE B 150 -12.28 0.35 -4.99
N GLY B 151 -10.99 0.07 -4.87
CA GLY B 151 -9.99 0.87 -5.56
C GLY B 151 -10.22 0.92 -7.06
N ASP B 152 -10.51 -0.24 -7.67
CA ASP B 152 -10.86 -0.26 -9.09
C ASP B 152 -12.10 0.59 -9.35
N GLY B 153 -13.08 0.54 -8.44
CA GLY B 153 -14.24 1.39 -8.58
C GLY B 153 -13.92 2.87 -8.52
N LEU B 154 -12.88 3.30 -7.78
CA LEU B 154 -12.50 4.72 -7.60
C LEU B 154 -11.71 5.31 -8.79
N LEU B 156 -11.99 3.73 -11.79
CA LEU B 156 -12.75 3.88 -13.01
C LEU B 156 -13.77 5.03 -12.91
N ALA B 157 -14.18 5.48 -11.71
CA ALA B 157 -15.03 6.64 -11.54
C ALA B 157 -14.31 7.91 -11.96
N LEU B 158 -13.08 8.10 -11.47
CA LEU B 158 -12.29 9.26 -11.86
C LEU B 158 -11.99 9.23 -13.36
N ALA B 159 -11.74 8.04 -13.92
CA ALA B 159 -11.48 7.92 -15.34
C ALA B 159 -12.72 8.29 -16.16
N GLU B 160 -13.89 7.76 -15.78
CA GLU B 160 -15.10 8.05 -16.54
C GLU B 160 -15.44 9.52 -16.49
N THR B 161 -15.25 10.18 -15.34
CA THR B 161 -15.45 11.62 -15.26
C THR B 161 -14.49 12.36 -16.19
N THR B 162 -13.24 11.89 -16.27
CA THR B 162 -12.28 12.51 -17.16
C THR B 162 -12.68 12.32 -18.61
N MET B 163 -13.18 11.14 -18.97
CA MET B 163 -13.67 10.92 -20.31
C MET B 163 -14.80 11.87 -20.65
N ASP B 164 -15.75 12.06 -19.73
CA ASP B 164 -16.98 12.79 -20.05
C ASP B 164 -16.69 14.27 -20.30
N PHE B 165 -15.78 14.86 -19.52
CA PHE B 165 -15.41 16.25 -19.76
C PHE B 165 -14.47 16.39 -20.95
N ALA B 166 -13.69 15.35 -21.26
CA ALA B 166 -12.81 15.41 -22.42
C ALA B 166 -13.59 15.29 -23.73
N ALA B 167 -14.67 14.50 -23.73
CA ALA B 167 -15.45 14.33 -24.96
C ALA B 167 -16.44 15.46 -25.17
N ARG B 168 -16.89 16.11 -24.10
CA ARG B 168 -17.83 17.23 -24.24
C ARG B 168 -17.11 18.55 -24.48
N ASP B 169 -15.89 18.69 -23.97
CA ASP B 169 -15.08 19.90 -24.14
C ASP B 169 -13.74 19.49 -24.77
N PRO B 170 -13.75 19.08 -26.04
CA PRO B 170 -12.52 18.55 -26.67
C PRO B 170 -11.35 19.52 -26.62
N ALA B 171 -11.61 20.83 -26.76
CA ALA B 171 -10.53 21.81 -26.79
C ALA B 171 -9.72 21.84 -25.50
N ARG B 172 -10.31 21.42 -24.39
CA ARG B 172 -9.64 21.40 -23.09
C ARG B 172 -9.34 19.99 -22.61
N ALA B 173 -9.50 19.00 -23.47
CA ALA B 173 -9.36 17.59 -23.08
C ALA B 173 -8.03 17.34 -22.38
N GLY B 174 -6.92 17.82 -22.97
CA GLY B 174 -5.61 17.56 -22.41
C GLY B 174 -5.46 17.96 -20.95
N GLU B 175 -6.07 19.09 -20.56
CA GLU B 175 -6.00 19.51 -19.17
C GLU B 175 -6.85 18.60 -18.28
N TYR B 176 -8.01 18.16 -18.80
CA TYR B 176 -8.83 17.23 -18.05
C TYR B 176 -8.10 15.91 -17.80
N ILE B 177 -7.27 15.47 -18.75
CA ILE B 177 -6.53 14.22 -18.58
C ILE B 177 -5.49 14.39 -17.49
N ALA B 178 -4.74 15.49 -17.53
CA ALA B 178 -3.71 15.74 -16.53
C ALA B 178 -4.32 15.91 -15.15
N LEU B 179 -5.36 16.76 -15.05
CA LEU B 179 -6.01 17.00 -13.76
C LEU B 179 -6.59 15.71 -13.21
N GLY B 180 -7.34 14.99 -14.05
CA GLY B 180 -7.87 13.68 -13.66
C GLY B 180 -6.79 12.76 -13.15
N PHE B 181 -5.66 12.68 -13.87
CA PHE B 181 -4.59 11.79 -13.46
C PHE B 181 -4.03 12.16 -12.10
N GLU B 182 -3.78 13.46 -11.88
CA GLU B 182 -3.20 13.89 -10.61
C GLU B 182 -4.16 13.63 -9.46
N ALA B 183 -5.46 13.88 -9.66
CA ALA B 183 -6.45 13.56 -8.63
C ALA B 183 -6.47 12.07 -8.35
N MET B 184 -6.43 11.25 -9.41
CA MET B 184 -6.34 9.80 -9.23
C MET B 184 -5.06 9.43 -8.49
N TRP B 185 -3.94 10.05 -8.86
CA TRP B 185 -2.65 9.62 -8.34
C TRP B 185 -2.53 9.84 -6.84
N ARG B 186 -2.77 11.07 -6.38
CA ARG B 186 -2.67 11.30 -4.94
C ARG B 186 -3.78 10.59 -4.18
N ALA B 187 -4.90 10.27 -4.82
CA ALA B 187 -5.97 9.54 -4.13
C ALA B 187 -5.59 8.09 -3.88
N LEU B 188 -4.96 7.43 -4.86
CA LEU B 188 -4.85 5.98 -4.85
C LEU B 188 -3.43 5.46 -4.63
N THR B 189 -2.44 6.34 -4.47
CA THR B 189 -1.06 5.91 -4.32
C THR B 189 -0.47 6.49 -3.04
N ARG B 190 0.72 6.01 -2.71
CA ARG B 190 1.40 6.37 -1.45
C ARG B 190 2.10 7.72 -1.56
N ASP C 8 29.56 12.98 14.20
CA ASP C 8 30.37 12.64 15.37
C ASP C 8 29.73 13.10 16.66
N LYS C 9 29.97 14.37 17.04
CA LYS C 9 29.43 14.86 18.31
C LYS C 9 27.92 14.94 18.31
N LYS C 10 27.27 15.07 17.15
CA LYS C 10 25.81 14.97 17.15
C LYS C 10 25.37 13.52 17.26
N GLN C 11 26.10 12.62 16.61
CA GLN C 11 25.79 11.20 16.70
C GLN C 11 26.26 10.58 18.02
N ALA C 12 27.25 11.18 18.67
CA ALA C 12 27.69 10.66 19.97
C ALA C 12 26.68 10.99 21.06
N LEU C 13 26.12 12.21 21.04
CA LEU C 13 25.11 12.57 22.01
C LEU C 13 23.89 11.67 21.92
N LEU C 14 23.43 11.37 20.71
CA LEU C 14 22.23 10.55 20.56
C LEU C 14 22.47 9.11 20.98
N GLU C 15 23.67 8.58 20.73
CA GLU C 15 23.93 7.20 21.14
C GLU C 15 24.27 7.11 22.63
N ALA C 16 24.91 8.13 23.19
CA ALA C 16 25.11 8.15 24.62
C ALA C 16 23.78 8.33 25.36
N ALA C 17 22.91 9.19 24.84
CA ALA C 17 21.57 9.32 25.39
C ALA C 17 20.81 8.00 25.29
N THR C 18 20.99 7.28 24.18
CA THR C 18 20.36 5.97 24.01
C THR C 18 20.78 5.02 25.13
N GLN C 19 22.09 4.92 25.38
CA GLN C 19 22.58 4.05 26.44
C GLN C 19 22.06 4.51 27.80
N ALA C 20 22.20 5.81 28.10
CA ALA C 20 21.85 6.30 29.43
C ALA C 20 20.36 6.18 29.71
N ILE C 21 19.51 6.50 28.74
CA ILE C 21 18.08 6.41 28.98
C ILE C 21 17.64 4.95 29.08
N ALA C 22 18.27 4.06 28.30
CA ALA C 22 17.97 2.64 28.45
C ALA C 22 18.53 2.09 29.75
N GLN C 23 19.68 2.61 30.19
CA GLN C 23 20.31 2.14 31.42
C GLN C 23 19.68 2.80 32.65
N SER C 24 19.91 4.10 32.82
CA SER C 24 19.49 4.82 34.01
C SER C 24 18.09 5.44 33.88
N GLY C 25 17.31 5.04 32.88
CA GLY C 25 15.99 5.58 32.68
C GLY C 25 16.06 6.95 32.00
N ILE C 26 14.88 7.47 31.67
CA ILE C 26 14.84 8.77 30.98
C ILE C 26 15.08 9.92 31.94
N ALA C 27 15.19 9.65 33.24
CA ALA C 27 15.68 10.66 34.17
C ALA C 27 17.20 10.73 34.10
N ALA C 28 17.77 10.35 32.96
CA ALA C 28 19.22 10.32 32.80
C ALA C 28 19.76 11.74 32.75
N SER C 29 20.78 12.01 33.56
CA SER C 29 21.44 13.31 33.56
C SER C 29 22.03 13.63 32.18
N THR C 30 21.76 14.86 31.69
CA THR C 30 22.47 15.36 30.53
C THR C 30 23.98 15.43 30.77
N ALA C 31 24.40 15.59 32.02
CA ALA C 31 25.83 15.64 32.29
C ALA C 31 26.49 14.31 31.95
N VAL C 32 25.92 13.20 32.44
CA VAL C 32 26.55 11.90 32.18
C VAL C 32 26.30 11.43 30.76
N ILE C 33 25.23 11.91 30.11
CA ILE C 33 25.05 11.65 28.69
C ILE C 33 26.15 12.33 27.89
N ALA C 34 26.45 13.58 28.23
CA ALA C 34 27.52 14.30 27.56
C ALA C 34 28.87 13.63 27.83
N ARG C 35 29.20 13.43 29.11
CA ARG C 35 30.52 12.92 29.47
C ARG C 35 30.77 11.52 28.90
N ASN C 36 29.71 10.74 28.70
CA ASN C 36 29.85 9.44 28.05
C ASN C 36 29.85 9.54 26.54
N ALA C 37 29.51 10.69 25.97
CA ALA C 37 29.76 11.00 24.58
C ALA C 37 31.09 11.72 24.37
N GLY C 38 31.89 11.87 25.42
CA GLY C 38 33.18 12.54 25.30
C GLY C 38 33.07 14.02 25.00
N VAL C 39 32.18 14.73 25.71
CA VAL C 39 31.98 16.16 25.51
C VAL C 39 31.61 16.79 26.85
N ALA C 40 31.45 18.11 26.86
CA ALA C 40 30.90 18.74 28.05
C ALA C 40 29.38 18.77 27.93
N GLU C 41 28.71 18.93 29.07
CA GLU C 41 27.26 19.01 29.04
C GLU C 41 26.81 20.32 28.41
N GLY C 42 27.67 21.35 28.46
CA GLY C 42 27.38 22.58 27.74
C GLY C 42 27.31 22.42 26.24
N THR C 43 28.29 21.73 25.65
CA THR C 43 28.30 21.50 24.20
C THR C 43 27.01 20.83 23.75
N LEU C 44 26.46 19.95 24.60
CA LEU C 44 25.27 19.20 24.23
C LEU C 44 24.07 20.14 24.08
N PHE C 45 24.04 21.22 24.85
CA PHE C 45 22.91 22.15 24.82
C PHE C 45 23.00 23.18 23.72
N ARG C 46 24.08 23.20 22.95
CA ARG C 46 24.12 23.93 21.68
C ARG C 46 23.69 23.06 20.52
N TYR C 47 23.44 21.78 20.77
CA TYR C 47 22.83 20.89 19.80
C TYR C 47 21.38 20.58 20.14
N PHE C 48 21.03 20.63 21.42
CA PHE C 48 19.65 20.47 21.87
C PHE C 48 19.39 21.52 22.94
N ALA C 49 18.57 22.51 22.60
CA ALA C 49 18.29 23.60 23.54
C ALA C 49 17.86 23.09 24.91
N THR C 50 16.99 22.07 24.93
CA THR C 50 16.44 21.54 26.16
C THR C 50 16.67 20.03 26.22
N LYS C 51 16.58 19.49 27.44
CA LYS C 51 16.59 18.04 27.57
C LYS C 51 15.37 17.45 26.89
N ASP C 52 14.28 18.21 26.81
CA ASP C 52 13.12 17.82 26.03
C ASP C 52 13.42 17.86 24.54
N GLU C 53 14.38 18.69 24.13
CA GLU C 53 14.84 18.71 22.74
C GLU C 53 15.63 17.45 22.41
N LEU C 54 16.44 16.98 23.36
CA LEU C 54 17.15 15.71 23.17
C LEU C 54 16.19 14.54 23.18
N ILE C 55 15.25 14.52 24.12
CA ILE C 55 14.24 13.45 24.18
C ILE C 55 13.49 13.34 22.85
N ASN C 56 12.95 14.46 22.36
CA ASN C 56 12.09 14.40 21.19
C ASN C 56 12.86 13.98 19.94
N THR C 57 14.11 14.40 19.81
CA THR C 57 14.89 14.06 18.62
C THR C 57 15.55 12.69 18.73
N LEU C 58 15.85 12.23 19.94
CA LEU C 58 16.29 10.85 20.11
C LEU C 58 15.18 9.88 19.73
N TYR C 59 13.95 10.17 20.16
CA TYR C 59 12.81 9.32 19.80
C TYR C 59 12.66 9.22 18.29
N LEU C 60 12.83 10.33 17.58
CA LEU C 60 12.72 10.30 16.12
C LEU C 60 13.90 9.56 15.49
N HIS C 61 15.11 9.78 16.03
CA HIS C 61 16.28 9.05 15.55
C HIS C 61 16.09 7.54 15.70
N LEU C 62 15.66 7.09 16.87
CA LEU C 62 15.48 5.65 17.09
C LEU C 62 14.35 5.09 16.25
N ARG C 63 13.27 5.85 16.06
CA ARG C 63 12.18 5.38 15.21
C ARG C 63 12.63 5.18 13.77
N GLN C 64 13.43 6.11 13.23
CA GLN C 64 13.87 5.95 11.85
C GLN C 64 14.88 4.82 11.72
N ASP C 65 15.66 4.56 12.76
CA ASP C 65 16.57 3.41 12.73
C ASP C 65 15.78 2.11 12.70
N LEU C 66 14.73 2.02 13.50
CA LEU C 66 13.90 0.83 13.49
C LEU C 66 13.25 0.65 12.12
N TRP C 67 12.83 1.73 11.49
CA TRP C 67 12.11 1.56 10.24
C TRP C 67 13.03 1.27 9.06
N GLN C 68 14.24 1.85 9.04
CA GLN C 68 15.19 1.63 7.91
C GLN C 68 15.60 0.15 7.88
N SER C 69 15.53 -0.49 9.06
CA SER C 69 15.83 -1.88 9.32
C SER C 69 14.79 -2.81 8.71
N MET C 70 13.68 -2.25 8.23
CA MET C 70 12.52 -3.03 7.81
C MET C 70 12.10 -2.79 6.37
N ILE C 71 12.23 -1.57 5.85
CA ILE C 71 11.57 -1.26 4.58
C ILE C 71 12.34 -1.81 3.40
N MET C 72 13.65 -2.04 3.53
CA MET C 72 14.39 -2.71 2.47
C MET C 72 13.84 -4.11 2.25
N GLU C 73 13.50 -4.81 3.33
CA GLU C 73 12.93 -6.14 3.28
C GLU C 73 11.43 -6.15 3.02
N LEU C 74 10.78 -4.99 2.94
CA LEU C 74 9.34 -4.93 2.76
C LEU C 74 8.95 -5.46 1.39
N ASP C 75 7.98 -6.38 1.36
CA ASP C 75 7.45 -6.94 0.13
C ASP C 75 6.03 -6.45 -0.08
N ARG C 76 5.81 -5.69 -1.16
CA ARG C 76 4.49 -5.14 -1.42
C ARG C 76 3.55 -6.17 -2.03
N SER C 77 4.05 -7.36 -2.36
CA SER C 77 3.17 -8.46 -2.75
C SER C 77 2.11 -8.73 -1.69
N ILE C 78 2.45 -8.51 -0.42
CA ILE C 78 1.57 -8.90 0.68
C ILE C 78 0.45 -7.86 0.78
N THR C 79 -0.79 -8.33 0.73
CA THR C 79 -1.93 -7.44 0.78
C THR C 79 -2.77 -7.56 2.04
N ASP C 80 -2.55 -8.60 2.85
CA ASP C 80 -3.30 -8.79 4.09
C ASP C 80 -2.68 -7.94 5.20
N ALA C 81 -3.49 -7.08 5.81
CA ALA C 81 -2.98 -6.21 6.87
C ALA C 81 -2.32 -7.01 7.99
N LYS C 82 -2.90 -8.15 8.34
CA LYS C 82 -2.35 -8.91 9.48
C LYS C 82 -0.99 -9.50 9.12
N MET C 83 -0.81 -9.91 7.87
CA MET C 83 0.48 -10.45 7.44
C MET C 83 1.52 -9.34 7.37
N MET C 84 1.11 -8.12 7.01
CA MET C 84 2.02 -7.00 7.00
C MET C 84 2.43 -6.59 8.42
N THR C 85 1.46 -6.58 9.34
CA THR C 85 1.76 -6.24 10.73
C THR C 85 2.70 -7.27 11.36
N ARG C 86 2.56 -8.55 10.98
CA ARG C 86 3.42 -9.57 11.56
C ARG C 86 4.87 -9.38 11.11
N PHE C 87 5.07 -9.12 9.81
CA PHE C 87 6.42 -8.82 9.32
C PHE C 87 6.99 -7.62 10.07
N ILE C 88 6.18 -6.59 10.29
CA ILE C 88 6.64 -5.43 11.05
C ILE C 88 6.86 -5.82 12.51
N TRP C 89 5.95 -6.61 13.08
CA TRP C 89 6.13 -7.11 14.45
C TRP C 89 7.37 -7.98 14.56
N ASN C 90 7.50 -8.97 13.66
CA ASN C 90 8.68 -9.83 13.67
C ASN C 90 9.96 -9.01 13.54
N SER C 91 9.92 -7.95 12.75
CA SER C 91 11.11 -7.13 12.56
C SER C 91 11.45 -6.36 13.82
N TYR C 92 10.44 -5.84 14.51
CA TYR C 92 10.68 -5.10 15.75
C TYR C 92 11.34 -6.00 16.80
N ILE C 93 10.80 -7.20 17.01
CA ILE C 93 11.37 -8.09 18.02
C ILE C 93 12.83 -8.40 17.71
N SER C 94 13.12 -8.72 16.45
CA SER C 94 14.50 -8.96 16.05
C SER C 94 15.34 -7.70 16.22
N TRP C 95 14.79 -6.54 15.85
CA TRP C 95 15.49 -5.28 16.05
C TRP C 95 15.88 -5.07 17.50
N GLY C 96 14.93 -5.32 18.41
CA GLY C 96 15.23 -5.14 19.83
C GLY C 96 16.20 -6.17 20.38
N LEU C 97 16.06 -7.43 19.96
CA LEU C 97 17.01 -8.45 20.39
C LEU C 97 18.42 -8.08 19.95
N ASN C 98 18.56 -7.51 18.75
CA ASN C 98 19.87 -7.12 18.25
C ASN C 98 20.37 -5.85 18.93
N HIS C 99 19.46 -4.95 19.29
CA HIS C 99 19.81 -3.67 19.92
C HIS C 99 18.96 -3.47 21.16
N PRO C 100 19.33 -4.10 22.28
CA PRO C 100 18.53 -3.94 23.50
C PRO C 100 18.43 -2.51 23.98
N ALA C 101 19.54 -1.78 23.96
CA ALA C 101 19.51 -0.39 24.44
C ALA C 101 18.58 0.45 23.59
N ARG C 102 18.57 0.26 22.28
CA ARG C 102 17.69 1.05 21.43
C ARG C 102 16.22 0.75 21.71
N HIS C 103 15.90 -0.48 22.08
CA HIS C 103 14.52 -0.82 22.43
C HIS C 103 14.14 -0.25 23.80
N ARG C 104 14.96 -0.53 24.82
CA ARG C 104 14.68 -0.01 26.15
C ARG C 104 14.62 1.51 26.17
N ALA C 105 15.42 2.17 25.32
CA ALA C 105 15.36 3.63 25.24
C ALA C 105 14.06 4.07 24.56
N ILE C 106 13.73 3.49 23.41
CA ILE C 106 12.53 3.93 22.69
C ILE C 106 11.27 3.61 23.49
N ARG C 107 11.31 2.58 24.35
CA ARG C 107 10.13 2.28 25.16
C ARG C 107 9.93 3.37 26.21
N GLN C 108 11.01 3.88 26.78
CA GLN C 108 10.90 4.94 27.76
C GLN C 108 10.42 6.25 27.11
N LEU C 109 10.98 6.59 25.95
CA LEU C 109 10.61 7.83 25.29
C LEU C 109 9.16 7.82 24.80
N ALA C 110 8.71 6.68 24.29
CA ALA C 110 7.38 6.63 23.67
C ALA C 110 6.26 6.91 24.66
N VAL C 111 6.42 6.50 25.91
CA VAL C 111 5.37 6.65 26.91
C VAL C 111 5.68 7.79 27.88
N SER C 112 6.60 8.68 27.52
CA SER C 112 6.95 9.79 28.39
C SER C 112 6.18 11.04 27.96
N GLU C 113 5.83 11.86 28.95
CA GLU C 113 5.03 13.05 28.68
C GLU C 113 5.77 14.07 27.83
N LYS C 114 7.10 14.00 27.79
CA LYS C 114 7.90 14.99 27.09
C LYS C 114 7.71 14.99 25.58
N LEU C 115 7.10 13.95 25.02
CA LEU C 115 6.92 13.91 23.57
C LEU C 115 5.86 14.93 23.15
N THR C 116 6.20 15.78 22.19
CA THR C 116 5.29 16.82 21.70
C THR C 116 4.51 16.32 20.49
N LYS C 117 3.46 17.08 20.14
CA LYS C 117 2.55 16.71 19.03
C LYS C 117 3.31 16.60 17.70
N GLU C 118 4.18 17.57 17.41
CA GLU C 118 4.91 17.59 16.15
C GLU C 118 6.08 16.62 16.16
N THR C 119 6.48 16.10 17.32
CA THR C 119 7.27 14.88 17.28
C THR C 119 6.40 13.69 16.91
N GLU C 120 5.17 13.67 17.42
CA GLU C 120 4.29 12.52 17.21
C GLU C 120 3.61 12.56 15.85
N GLN C 121 3.43 13.73 15.25
CA GLN C 121 2.88 13.78 13.89
C GLN C 121 3.97 13.69 12.83
N ARG C 122 5.22 14.02 13.17
CA ARG C 122 6.33 13.71 12.27
C ARG C 122 6.59 12.21 12.22
N ALA C 123 6.55 11.54 13.38
CA ALA C 123 6.71 10.09 13.41
C ALA C 123 5.70 9.39 12.51
N ASP C 124 4.50 9.96 12.35
CA ASP C 124 3.53 9.40 11.42
C ASP C 124 3.86 9.81 9.99
N ASP C 125 4.26 11.07 9.81
CA ASP C 125 4.69 11.54 8.50
C ASP C 125 5.92 10.80 8.00
N MET C 126 6.82 10.39 8.91
CA MET C 126 8.07 9.78 8.51
C MET C 126 7.87 8.56 7.60
N PHE C 127 6.97 7.67 7.99
CA PHE C 127 6.80 6.38 7.30
C PHE C 127 5.31 6.11 7.13
N PRO C 128 4.74 6.50 5.99
CA PRO C 128 3.28 6.40 5.78
C PRO C 128 2.66 5.03 5.85
N GLU C 129 3.37 3.94 5.56
CA GLU C 129 2.72 2.63 5.56
C GLU C 129 2.23 2.22 6.96
N LEU C 130 3.03 2.51 8.00
CA LEU C 130 2.64 2.13 9.36
C LEU C 130 1.40 2.87 9.84
N ARG C 131 1.42 4.20 9.79
CA ARG C 131 0.21 4.96 10.07
C ARG C 131 -0.97 4.50 9.21
N ASP C 132 -0.76 4.32 7.89
CA ASP C 132 -1.86 3.82 7.07
C ASP C 132 -2.33 2.46 7.56
N LEU C 133 -1.37 1.59 7.92
CA LEU C 133 -1.70 0.28 8.45
C LEU C 133 -2.38 0.39 9.81
N ALA C 134 -1.84 1.23 10.69
CA ALA C 134 -2.47 1.46 11.99
C ALA C 134 -3.91 1.97 11.82
N HIS C 135 -4.13 2.87 10.86
CA HIS C 135 -5.45 3.45 10.64
C HIS C 135 -6.40 2.49 9.94
N ARG C 136 -6.03 1.22 9.78
CA ARG C 136 -6.91 0.23 9.19
C ARG C 136 -7.10 -0.99 10.07
N SER C 137 -6.32 -1.14 11.13
CA SER C 137 -6.39 -2.35 11.94
C SER C 137 -6.44 -2.07 13.43
N VAL C 138 -5.65 -1.08 13.88
CA VAL C 138 -5.55 -0.82 15.31
C VAL C 138 -6.92 -0.48 15.87
N LEU C 139 -7.21 -0.96 17.08
CA LEU C 139 -8.43 -0.54 17.75
C LEU C 139 -8.51 0.98 17.73
N MET C 140 -9.64 1.49 17.24
CA MET C 140 -9.75 2.91 16.94
C MET C 140 -9.61 3.77 18.19
N VAL C 141 -9.85 3.20 19.36
CA VAL C 141 -9.75 3.98 20.59
C VAL C 141 -8.28 4.21 20.95
N PHE C 142 -7.39 3.29 20.57
CA PHE C 142 -5.97 3.44 20.86
C PHE C 142 -5.27 4.37 19.88
N MET C 143 -6.01 4.99 18.97
CA MET C 143 -5.48 6.02 18.08
C MET C 143 -5.83 7.42 18.52
N SER C 144 -6.76 7.57 19.47
CA SER C 144 -7.15 8.87 19.96
C SER C 144 -5.99 9.56 20.67
N ASP C 145 -5.96 10.90 20.58
CA ASP C 145 -4.93 11.68 21.24
C ASP C 145 -4.79 11.33 22.72
N GLU C 146 -5.90 10.94 23.37
CA GLU C 146 -5.91 10.73 24.85
C GLU C 146 -5.30 9.39 25.29
N TYR C 147 -5.55 8.31 24.56
CA TYR C 147 -5.09 6.99 25.00
C TYR C 147 -4.15 6.32 24.00
N ARG C 148 -3.64 7.03 23.00
CA ARG C 148 -2.69 6.41 22.08
C ARG C 148 -1.39 6.06 22.78
N ALA C 149 -0.86 6.98 23.59
CA ALA C 149 0.34 6.68 24.37
C ALA C 149 0.15 5.43 25.22
N PHE C 150 -1.08 5.18 25.69
CA PHE C 150 -1.36 3.95 26.42
C PHE C 150 -1.29 2.74 25.50
N GLY C 151 -1.90 2.85 24.31
CA GLY C 151 -1.79 1.79 23.33
C GLY C 151 -0.34 1.47 22.99
N ASP C 152 0.47 2.50 22.78
CA ASP C 152 1.90 2.28 22.56
C ASP C 152 2.53 1.61 23.76
N GLY C 153 2.12 1.98 24.98
CA GLY C 153 2.65 1.34 26.17
C GLY C 153 2.31 -0.14 26.24
N LEU C 154 1.14 -0.56 25.73
CA LEU C 154 0.69 -1.97 25.69
C LEU C 154 1.36 -2.78 24.55
N LEU C 156 4.46 -1.95 23.37
CA LEU C 156 5.84 -2.24 23.69
C LEU C 156 5.98 -3.17 24.90
N ALA C 157 4.95 -3.27 25.75
CA ALA C 157 4.95 -4.21 26.85
C ALA C 157 4.84 -5.65 26.34
N LEU C 158 3.91 -5.90 25.43
CA LEU C 158 3.81 -7.22 24.83
C LEU C 158 5.07 -7.55 24.04
N ALA C 159 5.67 -6.55 23.39
CA ALA C 159 6.89 -6.77 22.61
C ALA C 159 8.07 -7.14 23.49
N GLU C 160 8.27 -6.40 24.58
CA GLU C 160 9.40 -6.68 25.45
C GLU C 160 9.29 -8.07 26.07
N THR C 161 8.08 -8.45 26.48
CA THR C 161 7.90 -9.81 26.99
C THR C 161 8.23 -10.82 25.92
N THR C 162 7.89 -10.53 24.66
CA THR C 162 8.25 -11.43 23.57
C THR C 162 9.75 -11.48 23.36
N MET C 163 10.44 -10.33 23.39
CA MET C 163 11.90 -10.36 23.29
C MET C 163 12.52 -11.11 24.47
N ASP C 164 11.97 -10.90 25.67
CA ASP C 164 12.61 -11.45 26.86
C ASP C 164 12.55 -12.97 26.86
N PHE C 165 11.43 -13.54 26.42
CA PHE C 165 11.34 -14.99 26.30
C PHE C 165 12.09 -15.51 25.09
N ALA C 166 12.24 -14.68 24.04
CA ALA C 166 12.99 -15.12 22.87
C ALA C 166 14.48 -15.17 23.16
N ALA C 167 14.98 -14.25 23.98
CA ALA C 167 16.40 -14.23 24.30
C ALA C 167 16.74 -15.22 25.40
N ARG C 168 15.78 -15.55 26.25
CA ARG C 168 15.98 -16.48 27.36
C ARG C 168 15.79 -17.93 26.93
N ASP C 169 14.91 -18.18 25.97
CA ASP C 169 14.64 -19.51 25.44
C ASP C 169 14.79 -19.48 23.92
N PRO C 170 16.03 -19.34 23.43
CA PRO C 170 16.23 -19.16 21.98
C PRO C 170 15.61 -20.26 21.13
N ALA C 171 15.61 -21.51 21.62
CA ALA C 171 15.08 -22.62 20.85
C ALA C 171 13.60 -22.46 20.54
N ARG C 172 12.87 -21.68 21.34
CA ARG C 172 11.44 -21.48 21.17
C ARG C 172 11.09 -20.08 20.69
N ALA C 173 12.09 -19.29 20.28
CA ALA C 173 11.86 -17.89 19.94
C ALA C 173 10.72 -17.75 18.93
N GLY C 174 10.77 -18.52 17.85
CA GLY C 174 9.75 -18.43 16.82
C GLY C 174 8.33 -18.57 17.36
N GLU C 175 8.14 -19.47 18.33
CA GLU C 175 6.81 -19.60 18.91
C GLU C 175 6.47 -18.41 19.80
N TYR C 176 7.46 -17.88 20.52
CA TYR C 176 7.23 -16.67 21.31
C TYR C 176 6.91 -15.48 20.42
N ILE C 177 7.53 -15.40 19.23
CA ILE C 177 7.25 -14.27 18.34
C ILE C 177 5.83 -14.36 17.82
N ALA C 178 5.40 -15.57 17.41
CA ALA C 178 4.06 -15.75 16.89
C ALA C 178 3.02 -15.53 17.98
N LEU C 179 3.17 -16.19 19.13
CA LEU C 179 2.19 -16.06 20.20
C LEU C 179 2.06 -14.61 20.65
N GLY C 180 3.20 -13.96 20.92
CA GLY C 180 3.17 -12.54 21.26
C GLY C 180 2.39 -11.72 20.25
N PHE C 181 2.63 -11.98 18.96
CA PHE C 181 1.95 -11.24 17.90
C PHE C 181 0.44 -11.47 17.97
N GLU C 182 0.02 -12.73 18.11
CA GLU C 182 -1.40 -13.02 18.12
C GLU C 182 -2.09 -12.39 19.32
N ALA C 183 -1.46 -12.46 20.49
CA ALA C 183 -2.02 -11.79 21.66
C ALA C 183 -2.09 -10.29 21.45
N MET C 184 -1.03 -9.70 20.89
CA MET C 184 -1.04 -8.27 20.58
C MET C 184 -2.16 -7.95 19.58
N TRP C 185 -2.33 -8.81 18.58
CA TRP C 185 -3.25 -8.49 17.50
C TRP C 185 -4.69 -8.40 18.00
N ARG C 186 -5.16 -9.45 18.70
CA ARG C 186 -6.52 -9.41 19.20
C ARG C 186 -6.69 -8.39 20.32
N ALA C 187 -5.61 -8.02 21.02
CA ALA C 187 -5.71 -7.00 22.06
C ALA C 187 -5.89 -5.61 21.47
N LEU C 188 -5.18 -5.29 20.40
CA LEU C 188 -5.04 -3.92 19.94
C LEU C 188 -5.79 -3.62 18.65
N THR C 189 -6.49 -4.60 18.07
CA THR C 189 -7.17 -4.43 16.79
C THR C 189 -8.64 -4.78 16.93
N ARG C 190 -9.39 -4.51 15.87
CA ARG C 190 -10.83 -4.70 15.87
C ARG C 190 -11.18 -6.17 15.64
N ASP D 8 35.23 -17.30 25.41
CA ASP D 8 36.63 -17.25 25.79
C ASP D 8 37.49 -17.58 24.57
N LYS D 9 38.16 -18.75 24.51
CA LYS D 9 38.99 -18.96 23.33
C LYS D 9 38.23 -19.70 22.21
N LYS D 10 37.15 -20.41 22.51
CA LYS D 10 36.37 -21.11 21.49
C LYS D 10 35.52 -20.12 20.68
N GLN D 11 35.01 -19.12 21.36
CA GLN D 11 34.18 -18.02 20.86
C GLN D 11 35.00 -16.96 20.13
N ALA D 12 36.19 -16.66 20.66
CA ALA D 12 37.07 -15.65 20.07
C ALA D 12 37.82 -16.16 18.84
N LEU D 13 38.28 -17.42 18.87
CA LEU D 13 39.00 -17.97 17.71
C LEU D 13 38.14 -17.93 16.46
N LEU D 14 36.85 -18.26 16.60
CA LEU D 14 35.97 -18.27 15.44
C LEU D 14 35.70 -16.86 14.92
N GLU D 15 35.62 -15.87 15.82
CA GLU D 15 35.41 -14.49 15.37
C GLU D 15 36.69 -13.85 14.87
N ALA D 16 37.84 -14.21 15.45
CA ALA D 16 39.11 -13.74 14.90
C ALA D 16 39.36 -14.34 13.53
N ALA D 17 39.03 -15.62 13.37
CA ALA D 17 39.10 -16.23 12.04
C ALA D 17 38.15 -15.53 11.07
N THR D 18 36.97 -15.11 11.56
CA THR D 18 36.04 -14.37 10.72
C THR D 18 36.68 -13.08 10.21
N GLN D 19 37.25 -12.29 11.11
CA GLN D 19 37.88 -11.03 10.71
C GLN D 19 39.05 -11.27 9.77
N ALA D 20 39.94 -12.21 10.13
CA ALA D 20 41.14 -12.45 9.33
C ALA D 20 40.82 -13.01 7.95
N ILE D 21 39.89 -13.96 7.87
CA ILE D 21 39.53 -14.51 6.57
C ILE D 21 38.79 -13.45 5.75
N ALA D 22 38.01 -12.61 6.41
CA ALA D 22 37.38 -11.47 5.73
C ALA D 22 38.44 -10.43 5.32
N GLN D 23 39.57 -10.39 6.02
CA GLN D 23 40.62 -9.41 5.77
C GLN D 23 41.40 -9.72 4.51
N SER D 24 42.33 -10.67 4.58
CA SER D 24 43.22 -10.99 3.48
C SER D 24 42.79 -12.23 2.69
N GLY D 25 41.53 -12.63 2.81
CA GLY D 25 41.08 -13.84 2.16
C GLY D 25 41.34 -15.06 3.00
N ILE D 26 40.93 -16.22 2.46
CA ILE D 26 41.00 -17.48 3.18
C ILE D 26 42.41 -18.01 3.31
N ALA D 27 43.39 -17.36 2.67
CA ALA D 27 44.79 -17.67 2.94
C ALA D 27 45.25 -17.00 4.23
N ALA D 28 44.32 -16.78 5.16
CA ALA D 28 44.63 -16.05 6.38
C ALA D 28 45.54 -16.86 7.29
N SER D 29 46.61 -16.22 7.76
CA SER D 29 47.52 -16.84 8.71
C SER D 29 46.76 -17.22 9.98
N THR D 30 46.92 -18.48 10.40
CA THR D 30 46.40 -18.92 11.69
C THR D 30 47.09 -18.16 12.81
N ALA D 31 48.34 -17.76 12.58
CA ALA D 31 49.14 -17.08 13.58
C ALA D 31 48.50 -15.76 13.98
N VAL D 32 48.10 -14.97 13.00
CA VAL D 32 47.44 -13.71 13.30
C VAL D 32 46.01 -13.95 13.73
N ILE D 33 45.42 -15.09 13.35
CA ILE D 33 44.11 -15.48 13.86
C ILE D 33 44.18 -15.73 15.37
N ALA D 34 45.20 -16.45 15.81
CA ALA D 34 45.33 -16.76 17.24
C ALA D 34 45.54 -15.51 18.08
N ARG D 35 46.60 -14.76 17.75
CA ARG D 35 46.99 -13.53 18.48
C ARG D 35 45.83 -12.54 18.59
N ASN D 36 45.01 -12.42 17.53
CA ASN D 36 43.92 -11.46 17.55
C ASN D 36 42.70 -12.01 18.28
N ALA D 37 42.69 -13.31 18.57
CA ALA D 37 41.81 -13.87 19.58
C ALA D 37 42.49 -13.94 20.94
N GLY D 38 43.71 -13.40 21.05
CA GLY D 38 44.48 -13.35 22.27
C GLY D 38 45.00 -14.68 22.78
N VAL D 39 45.54 -15.53 21.90
CA VAL D 39 46.09 -16.83 22.26
C VAL D 39 47.25 -17.20 21.34
N ALA D 40 47.84 -18.36 21.56
CA ALA D 40 48.89 -18.75 20.61
C ALA D 40 48.25 -19.71 19.60
N GLU D 41 49.07 -20.32 18.77
CA GLU D 41 48.55 -21.36 17.87
C GLU D 41 48.38 -22.68 18.60
N GLY D 42 49.17 -22.92 19.65
CA GLY D 42 48.95 -24.12 20.44
C GLY D 42 47.53 -24.21 20.91
N THR D 43 46.98 -23.09 21.39
CA THR D 43 45.57 -23.05 21.73
C THR D 43 44.69 -23.34 20.50
N LEU D 44 45.07 -22.82 19.33
CA LEU D 44 44.19 -22.92 18.16
C LEU D 44 44.08 -24.36 17.66
N PHE D 45 45.20 -25.09 17.61
CA PHE D 45 45.17 -26.46 17.14
C PHE D 45 44.87 -27.41 18.27
N ARG D 46 44.67 -26.87 19.47
CA ARG D 46 44.08 -27.61 20.58
C ARG D 46 42.56 -27.53 20.53
N TYR D 47 42.00 -26.73 19.61
CA TYR D 47 40.59 -26.77 19.24
C TYR D 47 40.31 -27.25 17.85
N PHE D 48 41.21 -26.97 16.92
CA PHE D 48 41.03 -27.38 15.54
C PHE D 48 42.34 -27.99 15.07
N ALA D 49 42.35 -29.31 14.90
CA ALA D 49 43.55 -30.02 14.51
C ALA D 49 44.19 -29.36 13.30
N THR D 50 43.39 -29.04 12.30
CA THR D 50 43.89 -28.42 11.09
C THR D 50 43.06 -27.17 10.76
N LYS D 51 43.65 -26.31 9.95
CA LYS D 51 42.94 -25.15 9.42
C LYS D 51 41.75 -25.58 8.58
N ASP D 52 41.80 -26.78 8.01
CA ASP D 52 40.64 -27.30 7.30
C ASP D 52 39.50 -27.62 8.26
N GLU D 53 39.83 -27.97 9.50
CA GLU D 53 38.75 -28.14 10.47
C GLU D 53 38.19 -26.79 10.93
N LEU D 54 39.05 -25.79 11.09
CA LEU D 54 38.57 -24.46 11.45
C LEU D 54 37.73 -23.87 10.33
N ILE D 55 38.19 -24.01 9.09
CA ILE D 55 37.42 -23.57 7.93
C ILE D 55 36.03 -24.19 7.95
N ASN D 56 35.98 -25.52 8.09
CA ASN D 56 34.72 -26.24 7.93
C ASN D 56 33.72 -25.89 9.02
N THR D 57 34.20 -25.70 10.27
CA THR D 57 33.26 -25.38 11.34
C THR D 57 32.99 -23.89 11.46
N LEU D 58 33.92 -23.04 11.02
CA LEU D 58 33.61 -21.61 10.92
C LEU D 58 32.50 -21.38 9.90
N TYR D 59 32.56 -22.10 8.77
CA TYR D 59 31.48 -22.02 7.79
C TYR D 59 30.16 -22.46 8.42
N LEU D 60 30.19 -23.51 9.24
CA LEU D 60 28.98 -23.96 9.90
C LEU D 60 28.54 -22.97 10.98
N HIS D 61 29.50 -22.41 11.72
CA HIS D 61 29.16 -21.38 12.71
C HIS D 61 28.49 -20.18 12.03
N LEU D 62 29.09 -19.70 10.95
CA LEU D 62 28.53 -18.54 10.25
C LEU D 62 27.20 -18.89 9.58
N ARG D 63 27.08 -20.09 9.04
CA ARG D 63 25.83 -20.51 8.43
C ARG D 63 24.69 -20.52 9.45
N GLN D 64 24.96 -21.05 10.64
CA GLN D 64 23.92 -21.08 11.66
C GLN D 64 23.63 -19.68 12.19
N ASP D 65 24.63 -18.79 12.18
CA ASP D 65 24.38 -17.41 12.58
C ASP D 65 23.41 -16.73 11.62
N LEU D 66 23.60 -16.97 10.32
CA LEU D 66 22.70 -16.41 9.32
C LEU D 66 21.28 -16.94 9.49
N TRP D 67 21.15 -18.21 9.85
CA TRP D 67 19.85 -18.84 9.97
C TRP D 67 19.09 -18.38 11.21
N GLN D 68 19.80 -18.07 12.30
CA GLN D 68 19.09 -17.58 13.49
C GLN D 68 18.57 -16.17 13.33
N SER D 69 19.18 -15.35 12.47
CA SER D 69 18.63 -14.04 12.17
C SER D 69 17.31 -14.11 11.44
N MET D 70 16.88 -15.29 10.97
CA MET D 70 15.80 -15.38 10.01
C MET D 70 14.61 -16.23 10.43
N ILE D 71 14.81 -17.30 11.19
CA ILE D 71 13.72 -18.27 11.31
C ILE D 71 12.67 -17.83 12.33
N MET D 72 13.05 -17.00 13.31
CA MET D 72 12.04 -16.46 14.20
C MET D 72 11.07 -15.56 13.44
N GLU D 73 11.58 -14.77 12.50
CA GLU D 73 10.72 -13.93 11.69
C GLU D 73 10.02 -14.68 10.56
N LEU D 74 10.36 -15.95 10.36
CA LEU D 74 9.78 -16.72 9.27
C LEU D 74 8.30 -16.94 9.52
N ASP D 75 7.48 -16.64 8.51
CA ASP D 75 6.04 -16.77 8.59
C ASP D 75 5.61 -17.96 7.73
N ARG D 76 5.00 -18.95 8.39
CA ARG D 76 4.59 -20.16 7.69
C ARG D 76 3.28 -19.99 6.93
N SER D 77 2.59 -18.87 7.10
CA SER D 77 1.43 -18.57 6.25
C SER D 77 1.80 -18.57 4.78
N ILE D 78 3.02 -18.14 4.45
CA ILE D 78 3.41 -17.94 3.06
C ILE D 78 3.72 -19.29 2.43
N THR D 79 3.03 -19.61 1.34
CA THR D 79 3.21 -20.90 0.67
C THR D 79 3.86 -20.78 -0.71
N ASP D 80 4.05 -19.57 -1.23
CA ASP D 80 4.66 -19.38 -2.54
C ASP D 80 6.18 -19.42 -2.40
N ALA D 81 6.81 -20.31 -3.18
CA ALA D 81 8.27 -20.48 -3.11
C ALA D 81 8.99 -19.17 -3.39
N LYS D 82 8.52 -18.38 -4.34
CA LYS D 82 9.26 -17.17 -4.69
C LYS D 82 9.18 -16.16 -3.56
N MET D 83 8.06 -16.12 -2.82
CA MET D 83 7.93 -15.18 -1.71
C MET D 83 8.77 -15.60 -0.50
N MET D 84 8.92 -16.88 -0.33
CA MET D 84 9.76 -17.52 0.71
C MET D 84 11.21 -17.19 0.42
N THR D 85 11.66 -17.42 -0.81
CA THR D 85 13.03 -17.11 -1.23
C THR D 85 13.33 -15.61 -1.13
N ARG D 86 12.34 -14.75 -1.42
CA ARG D 86 12.57 -13.32 -1.31
C ARG D 86 12.77 -12.91 0.14
N PHE D 87 11.94 -13.44 1.05
CA PHE D 87 12.15 -13.18 2.46
C PHE D 87 13.53 -13.63 2.91
N ILE D 88 13.95 -14.81 2.47
CA ILE D 88 15.28 -15.30 2.81
C ILE D 88 16.36 -14.45 2.15
N TRP D 89 16.15 -14.06 0.90
CA TRP D 89 17.10 -13.17 0.22
C TRP D 89 17.20 -11.81 0.91
N ASN D 90 16.05 -11.19 1.20
CA ASN D 90 16.06 -9.90 1.89
C ASN D 90 16.77 -9.98 3.22
N SER D 91 16.60 -11.07 3.95
CA SER D 91 17.26 -11.19 5.24
C SER D 91 18.76 -11.38 5.08
N TYR D 92 19.18 -12.15 4.08
CA TYR D 92 20.61 -12.34 3.84
C TYR D 92 21.28 -11.01 3.55
N ILE D 93 20.70 -10.22 2.64
CA ILE D 93 21.25 -8.91 2.32
C ILE D 93 21.33 -8.04 3.56
N SER D 94 20.26 -8.04 4.37
CA SER D 94 20.27 -7.30 5.63
C SER D 94 21.33 -7.83 6.58
N TRP D 95 21.43 -9.16 6.67
CA TRP D 95 22.47 -9.77 7.50
C TRP D 95 23.86 -9.33 7.05
N GLY D 96 24.10 -9.33 5.74
CA GLY D 96 25.40 -8.93 5.25
C GLY D 96 25.70 -7.46 5.49
N LEU D 97 24.69 -6.61 5.29
CA LEU D 97 24.86 -5.18 5.56
C LEU D 97 25.20 -4.95 7.03
N ASN D 98 24.56 -5.71 7.93
CA ASN D 98 24.80 -5.54 9.36
C ASN D 98 26.14 -6.15 9.79
N HIS D 99 26.57 -7.23 9.14
CA HIS D 99 27.81 -7.91 9.49
C HIS D 99 28.62 -8.12 8.22
N PRO D 100 29.33 -7.08 7.77
CA PRO D 100 30.14 -7.22 6.55
C PRO D 100 31.20 -8.32 6.65
N ALA D 101 31.89 -8.40 7.79
CA ALA D 101 32.93 -9.41 7.94
C ALA D 101 32.35 -10.82 7.85
N ARG D 102 31.17 -11.04 8.45
CA ARG D 102 30.57 -12.37 8.42
C ARG D 102 30.15 -12.78 7.02
N HIS D 103 29.71 -11.84 6.19
CA HIS D 103 29.38 -12.19 4.81
C HIS D 103 30.64 -12.41 4.00
N ARG D 104 31.58 -11.47 4.07
CA ARG D 104 32.84 -11.60 3.35
C ARG D 104 33.60 -12.85 3.77
N ALA D 105 33.49 -13.26 5.03
CA ALA D 105 34.13 -14.52 5.45
C ALA D 105 33.39 -15.73 4.88
N ILE D 106 32.07 -15.78 5.06
CA ILE D 106 31.31 -16.94 4.60
C ILE D 106 31.30 -17.01 3.08
N ARG D 107 31.49 -15.88 2.39
CA ARG D 107 31.50 -15.90 0.94
C ARG D 107 32.72 -16.64 0.40
N GLN D 108 33.89 -16.44 1.01
CA GLN D 108 35.08 -17.16 0.58
C GLN D 108 35.04 -18.63 0.98
N LEU D 109 34.61 -18.92 2.22
CA LEU D 109 34.60 -20.30 2.69
C LEU D 109 33.69 -21.17 1.85
N ALA D 110 32.55 -20.62 1.41
CA ALA D 110 31.57 -21.41 0.68
C ALA D 110 32.10 -21.91 -0.65
N VAL D 111 32.98 -21.15 -1.30
CA VAL D 111 33.47 -21.53 -2.62
C VAL D 111 34.89 -22.08 -2.56
N SER D 112 35.36 -22.48 -1.38
CA SER D 112 36.68 -23.08 -1.24
C SER D 112 36.53 -24.60 -1.20
N GLU D 113 37.52 -25.29 -1.78
CA GLU D 113 37.43 -26.75 -1.87
C GLU D 113 37.56 -27.45 -0.52
N LYS D 114 38.14 -26.81 0.51
CA LYS D 114 38.36 -27.55 1.75
C LYS D 114 37.07 -27.97 2.46
N LEU D 115 35.91 -27.49 2.01
CA LEU D 115 34.67 -27.89 2.64
C LEU D 115 34.41 -29.36 2.31
N THR D 116 34.08 -30.14 3.33
CA THR D 116 33.88 -31.57 3.17
C THR D 116 32.41 -31.89 2.89
N LYS D 117 32.16 -33.15 2.51
CA LYS D 117 30.77 -33.58 2.30
C LYS D 117 29.99 -33.63 3.61
N GLU D 118 30.66 -33.93 4.73
CA GLU D 118 29.97 -33.90 6.01
C GLU D 118 29.76 -32.48 6.52
N THR D 119 30.50 -31.51 6.00
CA THR D 119 30.20 -30.11 6.27
C THR D 119 29.03 -29.60 5.43
N GLU D 120 29.03 -29.94 4.14
CA GLU D 120 28.01 -29.46 3.18
C GLU D 120 26.63 -30.06 3.45
N GLN D 121 26.56 -31.36 3.76
CA GLN D 121 25.27 -31.99 3.97
C GLN D 121 24.74 -31.77 5.38
N ARG D 122 25.62 -31.48 6.34
CA ARG D 122 25.13 -31.02 7.64
C ARG D 122 24.53 -29.63 7.50
N ALA D 123 25.18 -28.76 6.73
CA ALA D 123 24.61 -27.45 6.44
C ALA D 123 23.22 -27.56 5.86
N ASP D 124 22.92 -28.64 5.14
CA ASP D 124 21.57 -28.85 4.64
C ASP D 124 20.67 -29.40 5.73
N ASP D 125 21.16 -30.34 6.55
CA ASP D 125 20.39 -30.83 7.68
C ASP D 125 20.11 -29.72 8.69
N MET D 126 21.09 -28.83 8.90
CA MET D 126 20.91 -27.72 9.84
C MET D 126 19.70 -26.88 9.46
N PHE D 127 19.45 -26.72 8.16
CA PHE D 127 18.42 -25.83 7.65
C PHE D 127 17.58 -26.59 6.61
N PRO D 128 16.57 -27.34 7.08
CA PRO D 128 15.77 -28.13 6.12
C PRO D 128 14.92 -27.28 5.19
N GLU D 129 14.52 -26.07 5.60
CA GLU D 129 13.72 -25.22 4.74
C GLU D 129 14.49 -24.76 3.51
N LEU D 130 15.77 -24.45 3.67
CA LEU D 130 16.59 -24.06 2.52
C LEU D 130 16.69 -25.21 1.53
N ARG D 131 16.99 -26.40 2.05
CA ARG D 131 17.00 -27.62 1.26
C ARG D 131 15.70 -27.76 0.46
N ASP D 132 14.57 -27.79 1.16
CA ASP D 132 13.27 -27.99 0.50
C ASP D 132 12.98 -26.89 -0.50
N LEU D 133 13.31 -25.64 -0.15
CA LEU D 133 13.13 -24.54 -1.08
C LEU D 133 14.05 -24.67 -2.29
N ALA D 134 15.34 -24.91 -2.05
CA ALA D 134 16.28 -25.06 -3.16
C ALA D 134 15.86 -26.18 -4.10
N HIS D 135 15.40 -27.31 -3.55
CA HIS D 135 15.05 -28.44 -4.37
C HIS D 135 13.63 -28.33 -5.04
N ARG D 136 12.97 -27.16 -5.05
CA ARG D 136 11.80 -26.94 -5.92
C ARG D 136 12.02 -25.84 -6.93
N SER D 137 13.08 -25.06 -6.83
CA SER D 137 13.13 -23.94 -7.76
C SER D 137 14.48 -23.85 -8.42
N VAL D 138 15.55 -24.11 -7.66
CA VAL D 138 16.90 -23.96 -8.21
C VAL D 138 17.05 -24.90 -9.39
N LEU D 139 17.69 -24.40 -10.44
CA LEU D 139 18.06 -25.21 -11.58
C LEU D 139 18.78 -26.47 -11.12
N MET D 140 18.35 -27.61 -11.65
CA MET D 140 18.86 -28.90 -11.18
C MET D 140 20.36 -29.04 -11.39
N VAL D 141 20.92 -28.27 -12.34
CA VAL D 141 22.35 -28.36 -12.59
C VAL D 141 23.14 -27.63 -11.49
N PHE D 142 22.57 -26.60 -10.89
CA PHE D 142 23.25 -25.89 -9.81
C PHE D 142 23.13 -26.60 -8.48
N MET D 143 22.47 -27.75 -8.43
CA MET D 143 22.45 -28.60 -7.25
C MET D 143 23.36 -29.81 -7.40
N SER D 144 23.86 -30.09 -8.59
CA SER D 144 24.73 -31.24 -8.78
C SER D 144 26.00 -31.02 -7.97
N ASP D 145 26.53 -32.12 -7.41
CA ASP D 145 27.79 -32.06 -6.68
C ASP D 145 28.86 -31.30 -7.46
N GLU D 146 28.76 -31.39 -8.80
CA GLU D 146 29.82 -30.86 -9.69
C GLU D 146 29.78 -29.34 -9.79
N TYR D 147 28.60 -28.78 -10.05
CA TYR D 147 28.46 -27.34 -10.26
C TYR D 147 27.72 -26.65 -9.12
N ARG D 148 27.50 -27.35 -8.01
CA ARG D 148 26.84 -26.75 -6.85
C ARG D 148 27.68 -25.63 -6.23
N ALA D 149 28.99 -25.87 -6.06
CA ALA D 149 29.86 -24.81 -5.59
C ALA D 149 29.80 -23.57 -6.48
N PHE D 150 29.66 -23.79 -7.80
CA PHE D 150 29.60 -22.66 -8.73
C PHE D 150 28.31 -21.86 -8.56
N GLY D 151 27.17 -22.55 -8.45
CA GLY D 151 25.92 -21.86 -8.20
C GLY D 151 25.95 -21.00 -6.94
N ASP D 152 26.52 -21.53 -5.86
CA ASP D 152 26.69 -20.73 -4.65
C ASP D 152 27.58 -19.52 -4.93
N GLY D 153 28.62 -19.69 -5.75
CA GLY D 153 29.45 -18.56 -6.11
C GLY D 153 28.69 -17.47 -6.86
N LEU D 154 27.65 -17.82 -7.65
CA LEU D 154 26.85 -16.87 -8.44
C LEU D 154 25.82 -16.14 -7.57
N LEU D 156 26.25 -15.76 -4.19
CA LEU D 156 26.84 -14.79 -3.28
C LEU D 156 27.42 -13.58 -4.02
N ALA D 157 27.81 -13.72 -5.30
CA ALA D 157 28.27 -12.60 -6.11
C ALA D 157 27.14 -11.61 -6.37
N LEU D 158 25.98 -12.12 -6.77
CA LEU D 158 24.82 -11.25 -6.95
C LEU D 158 24.40 -10.61 -5.63
N ALA D 159 24.52 -11.36 -4.53
CA ALA D 159 24.13 -10.84 -3.22
C ALA D 159 25.04 -9.69 -2.78
N GLU D 160 26.36 -9.87 -2.86
CA GLU D 160 27.26 -8.82 -2.42
C GLU D 160 27.13 -7.57 -3.29
N THR D 161 26.94 -7.76 -4.59
CA THR D 161 26.69 -6.62 -5.47
C THR D 161 25.43 -5.88 -5.04
N THR D 162 24.41 -6.64 -4.61
CA THR D 162 23.21 -6.01 -4.06
C THR D 162 23.50 -5.31 -2.74
N MET D 163 24.31 -5.92 -1.89
CA MET D 163 24.72 -5.28 -0.64
C MET D 163 25.46 -3.97 -0.90
N ASP D 164 26.38 -3.98 -1.86
CA ASP D 164 27.25 -2.82 -2.04
C ASP D 164 26.47 -1.64 -2.57
N PHE D 165 25.51 -1.87 -3.47
CA PHE D 165 24.68 -0.78 -3.94
C PHE D 165 23.67 -0.34 -2.87
N ALA D 166 23.30 -1.24 -1.96
CA ALA D 166 22.39 -0.86 -0.90
C ALA D 166 23.08 0.01 0.14
N ALA D 167 24.37 -0.24 0.40
CA ALA D 167 25.14 0.54 1.36
C ALA D 167 25.66 1.84 0.77
N ARG D 168 25.82 1.90 -0.55
CA ARG D 168 26.28 3.10 -1.23
C ARG D 168 25.15 4.09 -1.50
N ASP D 169 23.95 3.57 -1.76
CA ASP D 169 22.77 4.38 -2.06
C ASP D 169 21.64 3.95 -1.13
N PRO D 170 21.73 4.26 0.16
CA PRO D 170 20.72 3.74 1.11
C PRO D 170 19.30 4.10 0.75
N ALA D 171 19.07 5.29 0.18
CA ALA D 171 17.72 5.70 -0.15
C ALA D 171 17.07 4.79 -1.19
N ARG D 172 17.86 4.09 -1.99
CA ARG D 172 17.37 3.22 -3.03
C ARG D 172 17.62 1.73 -2.73
N ALA D 173 18.02 1.41 -1.50
CA ALA D 173 18.37 0.05 -1.14
C ALA D 173 17.25 -0.93 -1.49
N GLY D 174 16.02 -0.59 -1.14
CA GLY D 174 14.89 -1.47 -1.40
C GLY D 174 14.78 -1.90 -2.85
N GLU D 175 15.08 -0.99 -3.78
CA GLU D 175 15.01 -1.35 -5.20
C GLU D 175 16.18 -2.24 -5.59
N TYR D 176 17.37 -1.97 -5.05
CA TYR D 176 18.52 -2.82 -5.34
C TYR D 176 18.29 -4.24 -4.83
N ILE D 177 17.64 -4.37 -3.68
CA ILE D 177 17.39 -5.70 -3.12
C ILE D 177 16.35 -6.43 -3.94
N ALA D 178 15.28 -5.73 -4.34
CA ALA D 178 14.26 -6.36 -5.16
C ALA D 178 14.81 -6.74 -6.53
N LEU D 179 15.45 -5.80 -7.22
CA LEU D 179 16.04 -6.07 -8.52
C LEU D 179 17.09 -7.18 -8.43
N GLY D 180 17.99 -7.07 -7.45
CA GLY D 180 18.96 -8.14 -7.22
C GLY D 180 18.30 -9.49 -7.08
N PHE D 181 17.21 -9.55 -6.29
CA PHE D 181 16.51 -10.82 -6.09
C PHE D 181 15.95 -11.36 -7.39
N GLU D 182 15.30 -10.50 -8.20
CA GLU D 182 14.70 -10.97 -9.44
C GLU D 182 15.74 -11.48 -10.42
N ALA D 183 16.88 -10.78 -10.52
CA ALA D 183 17.95 -11.27 -11.38
C ALA D 183 18.48 -12.61 -10.91
N MET D 184 18.65 -12.76 -9.60
CA MET D 184 19.08 -14.05 -9.05
C MET D 184 18.07 -15.14 -9.37
N TRP D 185 16.79 -14.82 -9.25
CA TRP D 185 15.75 -15.84 -9.39
C TRP D 185 15.69 -16.39 -10.81
N ARG D 186 15.58 -15.52 -11.81
CA ARG D 186 15.55 -16.01 -13.17
C ARG D 186 16.88 -16.61 -13.61
N ALA D 187 17.99 -16.22 -12.97
CA ALA D 187 19.29 -16.79 -13.32
C ALA D 187 19.42 -18.23 -12.79
N LEU D 188 18.98 -18.49 -11.57
CA LEU D 188 19.34 -19.71 -10.87
C LEU D 188 18.20 -20.69 -10.69
N THR D 189 16.99 -20.35 -11.11
CA THR D 189 15.84 -21.23 -10.91
C THR D 189 15.16 -21.54 -12.25
N ARG D 190 14.24 -22.50 -12.20
CA ARG D 190 13.56 -22.99 -13.40
C ARG D 190 12.44 -22.05 -13.84
#